data_5NUF
#
_entry.id   5NUF
#
_cell.length_a   64.592
_cell.length_b   118.545
_cell.length_c   148.219
_cell.angle_alpha   90.000
_cell.angle_beta   90.000
_cell.angle_gamma   90.000
#
_symmetry.space_group_name_H-M   'P 2 21 21'
#
loop_
_entity.id
_entity.type
_entity.pdbx_description
1 polymer 'Malate dehydrogenase 1, cytoplasmic'
2 non-polymer NICOTINAMIDE-ADENINE-DINUCLEOTIDE
3 non-polymer 'SULFATE ION'
4 non-polymer GLYCEROL
5 non-polymer 'HYDROGEN PEROXIDE'
6 non-polymer DI(HYDROXYETHYL)ETHER
7 non-polymer 'SODIUM ION'
8 non-polymer 1,2-ETHANEDIOL
9 non-polymer 'ACETATE ION'
10 non-polymer 'FORMIC ACID'
11 water water
#
_entity_poly.entity_id   1
_entity_poly.type   'polypeptide(L)'
_entity_poly.pdbx_seq_one_letter_code
;MAKEPVRVLVTGAAGQIGYALVPMIARGIMLGADQPVILHMLDIPPAAEALNGVKMELIDAAFPLLKGVVATTDAVEGCT
GVNVAVMVGGFPRKEGMERKDVMSKNVSIYKSQAAALEKHAAPNCKVLVVANPANTNALILKEFAPSIPEKNISCLTRLD
HNRALGQISERLSVPVSDVKNVIIWGNHSSSQYPDVNHAKVQTSSGEKPVRELVKDDAWLDGEFISTVQQRGAAIIKARK
LSSALSAASSACDHIRDWVLGTPEGTFVSMGVYSDGSYSVPSGLIYSFPVTCRNGDWSIVQGLPIDEVSRKKMDLTAEEL
KEEKDLAYSCLS
;
_entity_poly.pdbx_strand_id   A,B,C
#
loop_
_chem_comp.id
_chem_comp.type
_chem_comp.name
_chem_comp.formula
ACT non-polymer 'ACETATE ION' 'C2 H3 O2 -1'
EDO non-polymer 1,2-ETHANEDIOL 'C2 H6 O2'
FMT non-polymer 'FORMIC ACID' 'C H2 O2'
GOL non-polymer GLYCEROL 'C3 H8 O3'
NA non-polymer 'SODIUM ION' 'Na 1'
NAD non-polymer NICOTINAMIDE-ADENINE-DINUCLEOTIDE 'C21 H27 N7 O14 P2'
PEG non-polymer DI(HYDROXYETHYL)ETHER 'C4 H10 O3'
PEO non-polymer 'HYDROGEN PEROXIDE' 'H2 O2'
SO4 non-polymer 'SULFATE ION' 'O4 S -2'
#
# COMPACT_ATOMS: atom_id res chain seq x y z
N ALA A 2 8.59 -13.99 -20.54
CA ALA A 2 8.53 -12.60 -21.02
C ALA A 2 7.14 -11.97 -20.76
N LYS A 3 6.11 -12.70 -20.37
CA LYS A 3 4.91 -12.01 -19.99
C LYS A 3 5.20 -11.22 -18.71
N GLU A 4 5.77 -11.80 -17.63
CA GLU A 4 5.72 -11.09 -16.31
C GLU A 4 6.85 -10.04 -16.26
N PRO A 5 6.59 -8.86 -15.69
CA PRO A 5 7.63 -7.80 -15.69
C PRO A 5 8.64 -8.03 -14.58
N VAL A 6 9.86 -7.50 -14.76
CA VAL A 6 10.84 -7.45 -13.67
C VAL A 6 10.82 -6.06 -13.09
N ARG A 7 10.80 -5.98 -11.78
CA ARG A 7 10.87 -4.72 -11.07
C ARG A 7 12.31 -4.37 -10.78
N VAL A 8 12.76 -3.24 -11.35
CA VAL A 8 14.14 -2.81 -11.19
C VAL A 8 14.21 -1.50 -10.45
N LEU A 9 14.89 -1.50 -9.29
CA LEU A 9 15.12 -0.28 -8.53
C LEU A 9 16.43 0.36 -8.95
N VAL A 10 16.39 1.67 -9.16
CA VAL A 10 17.59 2.47 -9.26
C VAL A 10 17.53 3.51 -8.18
N THR A 11 18.47 3.46 -7.25
CA THR A 11 18.61 4.54 -6.27
C THR A 11 19.57 5.56 -6.81
N GLY A 12 19.56 6.78 -6.29
CA GLY A 12 20.30 7.90 -6.90
C GLY A 12 19.78 8.29 -8.27
N ALA A 13 18.48 7.99 -8.53
CA ALA A 13 17.93 8.09 -9.86
C ALA A 13 17.89 9.48 -10.47
N ALA A 14 17.87 10.52 -9.67
CA ALA A 14 17.89 11.89 -10.20
C ALA A 14 19.27 12.41 -10.48
N GLY A 15 20.30 11.58 -10.29
CA GLY A 15 21.65 12.03 -10.58
C GLY A 15 22.14 11.68 -11.97
N GLN A 16 23.43 11.89 -12.17
CA GLN A 16 24.04 11.78 -13.49
C GLN A 16 23.98 10.34 -14.00
N ILE A 17 24.41 9.39 -13.18
CA ILE A 17 24.37 7.98 -13.61
C ILE A 17 22.94 7.50 -13.74
N GLY A 18 22.09 7.91 -12.83
CA GLY A 18 20.73 7.57 -12.89
C GLY A 18 20.02 7.95 -14.19
N TYR A 19 20.30 9.18 -14.62
CA TYR A 19 19.79 9.70 -15.84
C TYR A 19 20.26 8.94 -17.09
N ALA A 20 21.55 8.55 -17.11
CA ALA A 20 22.08 7.66 -18.14
C ALA A 20 21.56 6.24 -18.13
N LEU A 21 21.23 5.74 -16.92
CA LEU A 21 20.89 4.36 -16.69
C LEU A 21 19.44 3.99 -16.93
N VAL A 22 18.54 4.78 -16.39
CA VAL A 22 17.14 4.41 -16.54
C VAL A 22 16.62 4.19 -17.99
N PRO A 23 17.06 5.00 -18.97
CA PRO A 23 16.53 4.68 -20.26
C PRO A 23 17.16 3.42 -20.87
N MET A 24 18.37 3.06 -20.45
N MET A 24 18.37 3.06 -20.45
CA MET A 24 18.96 1.81 -20.91
CA MET A 24 18.97 1.81 -20.90
C MET A 24 18.13 0.60 -20.37
C MET A 24 18.13 0.60 -20.37
N ILE A 25 17.73 0.69 -19.13
CA ILE A 25 16.88 -0.36 -18.54
C ILE A 25 15.54 -0.43 -19.32
N ALA A 26 14.94 0.76 -19.55
CA ALA A 26 13.65 0.83 -20.22
C ALA A 26 13.69 0.31 -21.64
N ARG A 27 14.84 0.38 -22.27
CA ARG A 27 15.02 -0.15 -23.62
CA ARG A 27 15.01 -0.14 -23.62
C ARG A 27 15.32 -1.60 -23.67
N GLY A 28 15.54 -2.28 -22.56
CA GLY A 28 15.81 -3.73 -22.63
C GLY A 28 17.27 -4.08 -22.63
N ILE A 29 18.16 -3.10 -22.41
CA ILE A 29 19.58 -3.38 -22.44
C ILE A 29 20.06 -4.15 -21.21
N MET A 30 19.35 -4.01 -20.10
CA MET A 30 19.78 -4.65 -18.88
C MET A 30 19.30 -6.16 -18.82
N LEU A 31 18.03 -6.40 -19.18
CA LEU A 31 17.43 -7.73 -18.97
C LEU A 31 16.97 -8.40 -20.28
N GLY A 32 17.18 -7.76 -21.44
CA GLY A 32 16.94 -8.36 -22.72
C GLY A 32 15.74 -7.73 -23.41
N ALA A 33 15.75 -7.79 -24.75
CA ALA A 33 14.74 -7.15 -25.59
C ALA A 33 13.31 -7.68 -25.45
N ASP A 34 13.15 -8.86 -24.90
CA ASP A 34 11.87 -9.47 -24.72
C ASP A 34 11.38 -9.45 -23.25
N GLN A 35 12.02 -8.67 -22.37
CA GLN A 35 11.67 -8.65 -20.97
C GLN A 35 11.11 -7.32 -20.51
N PRO A 36 9.80 -7.24 -20.30
CA PRO A 36 9.24 -5.99 -19.75
C PRO A 36 9.74 -5.66 -18.39
N VAL A 37 9.79 -4.38 -18.08
CA VAL A 37 10.33 -3.88 -16.84
C VAL A 37 9.39 -2.85 -16.21
N ILE A 38 9.41 -2.81 -14.91
CA ILE A 38 8.88 -1.74 -14.10
C ILE A 38 10.06 -1.10 -13.40
N LEU A 39 10.16 0.23 -13.50
CA LEU A 39 11.21 0.99 -12.84
C LEU A 39 10.70 1.52 -11.51
N HIS A 40 11.54 1.40 -10.46
CA HIS A 40 11.39 2.17 -9.24
C HIS A 40 12.62 3.04 -9.13
N MET A 41 12.42 4.32 -8.97
CA MET A 41 13.48 5.32 -8.94
C MET A 41 13.42 5.95 -7.58
N LEU A 42 14.48 5.89 -6.81
CA LEU A 42 14.58 6.49 -5.49
C LEU A 42 15.66 7.56 -5.44
N ASP A 43 15.31 8.73 -4.89
CA ASP A 43 16.28 9.77 -4.61
C ASP A 43 15.88 10.44 -3.30
N ILE A 44 16.37 11.62 -3.03
CA ILE A 44 16.13 12.26 -1.74
C ILE A 44 15.28 13.52 -1.92
N PRO A 45 14.66 14.01 -0.82
CA PRO A 45 13.68 15.15 -0.99
C PRO A 45 14.16 16.40 -1.72
N PRO A 46 15.43 16.86 -1.55
CA PRO A 46 15.86 17.98 -2.35
C PRO A 46 15.79 17.75 -3.88
N ALA A 47 15.80 16.50 -4.35
CA ALA A 47 15.73 16.19 -5.79
C ALA A 47 14.32 15.73 -6.24
N ALA A 48 13.29 16.01 -5.45
CA ALA A 48 11.96 15.51 -5.75
C ALA A 48 11.42 16.01 -7.10
N GLU A 49 11.63 17.29 -7.39
CA GLU A 49 11.18 17.87 -8.66
C GLU A 49 11.94 17.24 -9.82
N ALA A 50 13.26 17.17 -9.69
CA ALA A 50 14.12 16.61 -10.77
C ALA A 50 13.73 15.12 -11.01
N LEU A 51 13.42 14.41 -9.95
CA LEU A 51 13.06 13.04 -10.08
C LEU A 51 11.75 12.84 -10.87
N ASN A 52 10.78 13.64 -10.55
CA ASN A 52 9.50 13.65 -11.26
C ASN A 52 9.79 13.99 -12.74
N GLY A 53 10.74 14.91 -12.97
CA GLY A 53 11.17 15.26 -14.32
C GLY A 53 11.69 14.06 -15.15
N VAL A 54 12.48 13.25 -14.46
CA VAL A 54 12.95 12.02 -15.08
C VAL A 54 11.82 11.07 -15.43
N LYS A 55 10.88 10.90 -14.52
CA LYS A 55 9.71 10.05 -14.80
C LYS A 55 8.94 10.60 -16.01
N MET A 56 8.74 11.91 -16.04
CA MET A 56 8.03 12.55 -17.19
C MET A 56 8.74 12.20 -18.50
N GLU A 57 10.06 12.24 -18.48
CA GLU A 57 10.82 11.90 -19.71
C GLU A 57 10.67 10.44 -20.08
N LEU A 58 10.65 9.54 -19.06
CA LEU A 58 10.51 8.14 -19.33
C LEU A 58 9.16 7.85 -19.98
N ILE A 59 8.13 8.51 -19.49
CA ILE A 59 6.79 8.42 -20.09
C ILE A 59 6.81 8.95 -21.50
N ASP A 60 7.47 10.10 -21.69
CA ASP A 60 7.54 10.78 -22.95
C ASP A 60 8.26 10.00 -24.05
N ALA A 61 9.13 9.07 -23.66
CA ALA A 61 9.86 8.24 -24.62
C ALA A 61 9.06 7.07 -25.20
N ALA A 62 7.91 6.78 -24.59
CA ALA A 62 7.04 5.70 -25.10
C ALA A 62 7.82 4.37 -25.31
N PHE A 63 8.52 3.95 -24.25
CA PHE A 63 9.29 2.75 -24.24
C PHE A 63 8.34 1.49 -24.19
N PRO A 64 8.30 0.69 -25.21
CA PRO A 64 7.31 -0.42 -25.17
C PRO A 64 7.50 -1.52 -24.09
N LEU A 65 8.72 -1.67 -23.62
CA LEU A 65 8.97 -2.63 -22.55
C LEU A 65 8.61 -2.08 -21.19
N LEU A 66 8.34 -0.78 -21.06
CA LEU A 66 8.21 -0.17 -19.74
C LEU A 66 6.75 -0.21 -19.31
N LYS A 67 6.49 -0.86 -18.15
CA LYS A 67 5.13 -1.08 -17.69
C LYS A 67 4.80 -0.30 -16.44
N GLY A 68 5.69 0.52 -15.95
CA GLY A 68 5.36 1.37 -14.82
C GLY A 68 6.62 2.06 -14.35
N VAL A 69 6.43 3.22 -13.73
CA VAL A 69 7.52 3.94 -13.14
C VAL A 69 7.06 4.52 -11.80
N VAL A 70 7.71 4.11 -10.73
CA VAL A 70 7.51 4.67 -9.42
C VAL A 70 8.70 5.61 -9.22
N ALA A 71 8.45 6.87 -8.91
CA ALA A 71 9.51 7.84 -8.68
C ALA A 71 9.27 8.47 -7.33
N THR A 72 10.16 8.21 -6.37
CA THR A 72 9.90 8.50 -5.00
C THR A 72 11.16 8.85 -4.20
N THR A 73 10.95 9.44 -3.04
CA THR A 73 11.91 9.64 -1.98
C THR A 73 11.68 8.77 -0.74
N ASP A 74 10.75 7.83 -0.85
CA ASP A 74 10.38 6.93 0.26
C ASP A 74 11.07 5.61 -0.01
N ALA A 75 12.06 5.25 0.80
CA ALA A 75 12.85 4.04 0.57
C ALA A 75 12.01 2.76 0.66
N VAL A 76 11.01 2.75 1.58
CA VAL A 76 10.14 1.59 1.66
C VAL A 76 9.41 1.34 0.35
N GLU A 77 8.75 2.39 -0.16
CA GLU A 77 8.08 2.33 -1.43
C GLU A 77 9.04 1.91 -2.55
N GLY A 78 10.20 2.54 -2.59
CA GLY A 78 11.17 2.27 -3.70
C GLY A 78 11.57 0.82 -3.70
N CYS A 79 11.80 0.24 -2.51
CA CYS A 79 12.30 -1.14 -2.43
C CYS A 79 11.24 -2.24 -2.53
N THR A 80 9.96 -1.89 -2.41
CA THR A 80 8.91 -2.89 -2.39
C THR A 80 8.79 -3.72 -3.63
N GLY A 81 8.92 -5.03 -3.46
CA GLY A 81 8.76 -6.01 -4.54
C GLY A 81 9.89 -6.04 -5.56
N VAL A 82 11.00 -5.33 -5.35
CA VAL A 82 11.99 -5.27 -6.43
C VAL A 82 12.80 -6.55 -6.59
N ASN A 83 13.12 -6.86 -7.83
CA ASN A 83 13.86 -8.07 -8.23
C ASN A 83 15.32 -7.79 -8.52
N VAL A 84 15.61 -6.57 -8.92
CA VAL A 84 16.97 -6.09 -9.18
C VAL A 84 17.06 -4.73 -8.50
N ALA A 85 18.14 -4.49 -7.77
CA ALA A 85 18.38 -3.20 -7.17
C ALA A 85 19.73 -2.69 -7.53
N VAL A 86 19.81 -1.58 -8.27
CA VAL A 86 21.01 -0.93 -8.67
C VAL A 86 21.16 0.33 -7.83
N MET A 87 22.13 0.32 -6.95
CA MET A 87 22.27 1.34 -5.91
CA MET A 87 22.27 1.34 -5.91
C MET A 87 23.31 2.38 -6.31
N VAL A 88 22.83 3.52 -6.77
CA VAL A 88 23.65 4.58 -7.25
C VAL A 88 23.59 5.82 -6.31
N GLY A 89 22.72 5.77 -5.32
CA GLY A 89 22.55 6.86 -4.39
C GLY A 89 23.81 7.12 -3.57
N GLY A 90 24.26 8.38 -3.58
CA GLY A 90 25.44 8.75 -2.88
C GLY A 90 25.88 10.13 -3.16
N PHE A 91 27.11 10.41 -2.74
CA PHE A 91 27.73 11.71 -2.90
C PHE A 91 29.14 11.50 -3.42
N PRO A 92 29.40 11.89 -4.68
CA PRO A 92 30.73 11.76 -5.26
C PRO A 92 31.71 12.72 -4.56
N ARG A 93 32.97 12.33 -4.47
CA ARG A 93 34.00 13.16 -3.81
C ARG A 93 34.16 14.46 -4.57
N LYS A 94 34.08 15.58 -3.87
CA LYS A 94 34.33 16.90 -4.48
C LYS A 94 35.61 17.41 -3.86
N GLU A 95 36.33 18.26 -4.60
CA GLU A 95 37.55 18.90 -4.03
C GLU A 95 37.19 19.62 -2.72
N GLY A 96 38.00 19.45 -1.71
CA GLY A 96 37.68 19.97 -0.39
C GLY A 96 37.15 18.94 0.57
N MET A 97 36.61 17.82 0.09
CA MET A 97 36.16 16.74 0.99
C MET A 97 37.35 15.89 1.40
N GLU A 98 37.39 15.46 2.66
CA GLU A 98 38.34 14.44 3.11
C GLU A 98 37.81 13.03 2.94
N ARG A 99 38.72 12.06 2.89
CA ARG A 99 38.37 10.63 2.68
C ARG A 99 37.32 10.15 3.75
N LYS A 100 37.46 10.59 5.00
CA LYS A 100 36.55 10.28 6.08
C LYS A 100 35.10 10.80 5.83
N ASP A 101 35.00 11.94 5.16
CA ASP A 101 33.70 12.60 4.95
C ASP A 101 32.94 11.94 3.82
N VAL A 102 33.66 11.67 2.76
CA VAL A 102 33.16 10.88 1.64
C VAL A 102 32.64 9.51 2.17
N MET A 103 33.51 8.83 2.91
CA MET A 103 33.10 7.57 3.50
C MET A 103 31.85 7.74 4.38
N SER A 104 31.89 8.70 5.29
CA SER A 104 30.80 8.82 6.26
C SER A 104 29.45 9.14 5.57
N LYS A 105 29.48 10.08 4.62
CA LYS A 105 28.24 10.46 3.90
C LYS A 105 27.63 9.32 3.06
N ASN A 106 28.48 8.45 2.52
CA ASN A 106 28.01 7.33 1.69
C ASN A 106 27.68 6.08 2.45
N VAL A 107 28.53 5.62 3.41
CA VAL A 107 28.18 4.36 4.09
C VAL A 107 26.93 4.46 4.92
N SER A 108 26.60 5.64 5.46
N SER A 108 26.61 5.64 5.47
CA SER A 108 25.34 5.81 6.20
CA SER A 108 25.35 5.82 6.21
C SER A 108 24.10 5.49 5.37
C SER A 108 24.10 5.49 5.37
N ILE A 109 24.20 5.75 4.06
CA ILE A 109 23.10 5.47 3.16
C ILE A 109 22.84 3.96 3.14
N TYR A 110 23.93 3.21 3.00
CA TYR A 110 23.87 1.77 2.87
C TYR A 110 23.46 1.06 4.15
N LYS A 111 23.90 1.61 5.28
CA LYS A 111 23.39 1.08 6.56
C LYS A 111 21.86 1.22 6.58
N SER A 112 21.40 2.41 6.27
CA SER A 112 19.96 2.70 6.32
C SER A 112 19.10 1.91 5.32
N GLN A 113 19.51 1.94 4.08
CA GLN A 113 18.76 1.24 3.01
C GLN A 113 18.84 -0.26 3.02
N ALA A 114 19.81 -0.84 3.75
CA ALA A 114 19.86 -2.32 3.90
C ALA A 114 18.58 -2.83 4.55
N ALA A 115 18.06 -2.12 5.53
CA ALA A 115 16.86 -2.56 6.26
C ALA A 115 15.62 -2.51 5.33
N ALA A 116 15.50 -1.42 4.58
CA ALA A 116 14.41 -1.27 3.64
C ALA A 116 14.43 -2.38 2.59
N LEU A 117 15.64 -2.71 2.06
CA LEU A 117 15.72 -3.77 1.06
C LEU A 117 15.42 -5.12 1.67
N GLU A 118 16.03 -5.39 2.80
CA GLU A 118 15.88 -6.68 3.47
C GLU A 118 14.38 -6.95 3.77
N LYS A 119 13.69 -5.93 4.22
CA LYS A 119 12.27 -6.06 4.60
C LYS A 119 11.31 -6.04 3.45
N HIS A 120 11.62 -5.38 2.34
CA HIS A 120 10.64 -5.11 1.30
C HIS A 120 10.95 -5.62 -0.07
N ALA A 121 12.22 -5.84 -0.42
CA ALA A 121 12.54 -6.32 -1.76
C ALA A 121 12.04 -7.73 -1.93
N ALA A 122 11.87 -8.16 -3.15
CA ALA A 122 11.45 -9.53 -3.37
C ALA A 122 12.56 -10.48 -2.91
N PRO A 123 12.20 -11.69 -2.49
CA PRO A 123 13.22 -12.62 -1.92
C PRO A 123 14.55 -12.88 -2.63
N ASN A 124 14.57 -13.15 -3.88
CA ASN A 124 15.81 -13.42 -4.60
CA ASN A 124 15.87 -13.46 -4.57
C ASN A 124 16.35 -12.20 -5.33
N CYS A 125 16.03 -11.01 -4.80
CA CYS A 125 16.48 -9.75 -5.38
C CYS A 125 18.01 -9.72 -5.56
N LYS A 126 18.45 -9.39 -6.76
CA LYS A 126 19.87 -9.23 -7.06
CA LYS A 126 19.86 -9.21 -7.05
C LYS A 126 20.25 -7.76 -6.86
N VAL A 127 21.28 -7.53 -6.06
CA VAL A 127 21.70 -6.21 -5.69
C VAL A 127 23.07 -5.84 -6.27
N LEU A 128 23.17 -4.67 -6.89
CA LEU A 128 24.44 -4.14 -7.44
C LEU A 128 24.66 -2.75 -6.88
N VAL A 129 25.73 -2.55 -6.14
CA VAL A 129 26.15 -1.29 -5.61
C VAL A 129 27.12 -0.61 -6.52
N VAL A 130 26.75 0.59 -7.01
CA VAL A 130 27.58 1.39 -7.92
C VAL A 130 28.21 2.52 -7.13
N ALA A 131 27.46 3.15 -6.23
CA ALA A 131 27.96 4.27 -5.49
C ALA A 131 29.26 4.02 -4.82
N ASN A 132 30.13 5.06 -4.80
CA ASN A 132 31.47 4.89 -4.22
C ASN A 132 31.47 5.23 -2.74
N PRO A 133 32.33 4.61 -1.96
CA PRO A 133 33.24 3.50 -2.35
C PRO A 133 32.49 2.20 -2.54
N ALA A 134 32.52 1.65 -3.79
CA ALA A 134 31.56 0.63 -4.17
C ALA A 134 31.64 -0.64 -3.32
N ASN A 135 32.83 -1.18 -3.15
CA ASN A 135 32.98 -2.47 -2.45
C ASN A 135 32.57 -2.29 -0.97
N THR A 136 33.00 -1.19 -0.37
CA THR A 136 32.74 -0.98 1.04
C THR A 136 31.26 -0.66 1.34
N ASN A 137 30.64 0.14 0.48
CA ASN A 137 29.19 0.36 0.55
C ASN A 137 28.48 -0.94 0.45
N ALA A 138 28.87 -1.83 -0.47
CA ALA A 138 28.21 -3.12 -0.59
C ALA A 138 28.40 -4.00 0.65
N LEU A 139 29.60 -3.93 1.22
CA LEU A 139 29.90 -4.75 2.39
C LEU A 139 29.02 -4.32 3.59
N ILE A 140 28.90 -3.02 3.75
CA ILE A 140 28.01 -2.43 4.78
C ILE A 140 26.57 -2.81 4.54
N LEU A 141 26.11 -2.72 3.29
CA LEU A 141 24.76 -3.18 2.96
CA LEU A 141 24.75 -3.18 2.96
C LEU A 141 24.59 -4.65 3.35
N LYS A 142 25.54 -5.50 2.97
CA LYS A 142 25.43 -6.91 3.26
C LYS A 142 25.34 -7.13 4.81
N GLU A 143 26.18 -6.43 5.54
CA GLU A 143 26.26 -6.60 7.02
C GLU A 143 24.99 -6.12 7.71
N PHE A 144 24.35 -5.09 7.17
CA PHE A 144 23.10 -4.63 7.71
C PHE A 144 21.86 -5.33 7.16
N ALA A 145 22.02 -6.23 6.20
CA ALA A 145 20.90 -7.00 5.65
C ALA A 145 21.28 -8.47 5.69
N PRO A 146 21.46 -9.01 6.89
CA PRO A 146 21.89 -10.41 6.99
C PRO A 146 20.92 -11.45 6.42
N SER A 147 19.65 -11.10 6.24
N SER A 147 19.65 -11.10 6.24
CA SER A 147 18.72 -12.02 5.58
CA SER A 147 18.72 -12.02 5.57
C SER A 147 18.85 -12.10 4.06
C SER A 147 18.85 -12.10 4.06
N ILE A 148 19.56 -11.18 3.42
CA ILE A 148 19.76 -11.28 1.98
C ILE A 148 20.85 -12.34 1.75
N PRO A 149 20.58 -13.35 0.93
CA PRO A 149 21.61 -14.32 0.60
C PRO A 149 22.92 -13.62 0.17
N GLU A 150 24.05 -14.03 0.76
CA GLU A 150 25.30 -13.37 0.54
C GLU A 150 25.71 -13.35 -0.96
N LYS A 151 25.28 -14.35 -1.73
CA LYS A 151 25.60 -14.37 -3.16
C LYS A 151 24.80 -13.31 -3.99
N ASN A 152 23.84 -12.67 -3.34
CA ASN A 152 22.95 -11.72 -4.05
C ASN A 152 23.39 -10.26 -3.91
N ILE A 153 24.52 -10.02 -3.24
CA ILE A 153 25.05 -8.71 -3.11
C ILE A 153 26.35 -8.57 -3.90
N SER A 154 26.42 -7.55 -4.76
CA SER A 154 27.58 -7.33 -5.57
C SER A 154 27.88 -5.86 -5.69
N CYS A 155 29.11 -5.52 -6.13
CA CYS A 155 29.42 -4.17 -6.46
C CYS A 155 30.04 -4.08 -7.85
N LEU A 156 30.09 -2.88 -8.37
CA LEU A 156 30.49 -2.69 -9.78
C LEU A 156 31.97 -2.49 -9.93
N THR A 157 32.61 -3.50 -10.51
CA THR A 157 33.95 -3.37 -11.06
C THR A 157 33.90 -3.59 -12.58
N ARG A 158 32.71 -3.68 -13.14
CA ARG A 158 32.56 -3.95 -14.58
C ARG A 158 33.03 -2.77 -15.41
N LEU A 159 32.95 -1.56 -14.87
CA LEU A 159 33.52 -0.42 -15.59
C LEU A 159 35.02 -0.49 -15.65
N ASP A 160 35.65 -0.86 -14.54
CA ASP A 160 37.12 -1.13 -14.56
C ASP A 160 37.48 -2.19 -15.61
N HIS A 161 36.67 -3.25 -15.68
CA HIS A 161 36.89 -4.37 -16.55
C HIS A 161 36.79 -3.90 -18.02
N ASN A 162 35.70 -3.20 -18.33
CA ASN A 162 35.49 -2.66 -19.63
C ASN A 162 36.57 -1.62 -20.01
N ARG A 163 37.03 -0.84 -19.05
CA ARG A 163 38.11 0.10 -19.30
C ARG A 163 39.35 -0.63 -19.75
N ALA A 164 39.61 -1.76 -19.10
CA ALA A 164 40.79 -2.58 -19.40
C ALA A 164 40.69 -3.17 -20.79
N LEU A 165 39.54 -3.72 -21.12
CA LEU A 165 39.28 -4.17 -22.46
C LEU A 165 39.49 -3.04 -23.50
N GLY A 166 38.98 -1.85 -23.21
CA GLY A 166 39.16 -0.70 -24.13
C GLY A 166 40.63 -0.29 -24.32
N GLN A 167 41.39 -0.31 -23.26
CA GLN A 167 42.83 -0.04 -23.35
C GLN A 167 43.57 -1.02 -24.26
N ILE A 168 43.24 -2.30 -24.15
CA ILE A 168 43.85 -3.30 -25.01
C ILE A 168 43.43 -3.08 -26.45
N SER A 169 42.13 -2.86 -26.66
CA SER A 169 41.59 -2.58 -27.97
C SER A 169 42.33 -1.39 -28.63
N GLU A 170 42.46 -0.28 -27.90
CA GLU A 170 43.15 0.90 -28.42
C GLU A 170 44.68 0.66 -28.68
N ARG A 171 45.35 0.01 -27.76
CA ARG A 171 46.76 -0.25 -27.89
C ARG A 171 47.04 -1.11 -29.15
N LEU A 172 46.20 -2.13 -29.41
CA LEU A 172 46.38 -2.97 -30.56
C LEU A 172 45.70 -2.50 -31.81
N SER A 173 44.84 -1.48 -31.69
CA SER A 173 43.98 -1.04 -32.76
C SER A 173 43.18 -2.18 -33.36
N VAL A 174 42.54 -2.94 -32.49
CA VAL A 174 41.52 -3.92 -32.88
C VAL A 174 40.15 -3.57 -32.27
N PRO A 175 39.05 -4.04 -32.85
CA PRO A 175 37.76 -3.81 -32.26
C PRO A 175 37.63 -4.41 -30.92
N VAL A 176 36.96 -3.72 -30.00
CA VAL A 176 36.85 -4.23 -28.62
C VAL A 176 36.09 -5.55 -28.56
N SER A 177 35.23 -5.81 -29.53
CA SER A 177 34.52 -7.08 -29.57
C SER A 177 35.49 -8.27 -29.68
N ASP A 178 36.68 -8.07 -30.18
CA ASP A 178 37.66 -9.14 -30.27
C ASP A 178 38.48 -9.43 -28.98
N VAL A 179 38.32 -8.62 -27.92
CA VAL A 179 39.11 -8.75 -26.72
C VAL A 179 38.24 -9.29 -25.59
N LYS A 180 38.76 -10.22 -24.81
CA LYS A 180 38.06 -10.75 -23.63
C LYS A 180 38.98 -11.22 -22.55
N ASN A 181 38.38 -11.40 -21.35
CA ASN A 181 38.97 -12.20 -20.29
C ASN A 181 40.17 -11.50 -19.61
N VAL A 182 40.11 -10.17 -19.60
CA VAL A 182 40.80 -9.44 -18.58
C VAL A 182 40.14 -9.76 -17.24
N ILE A 183 40.85 -9.45 -16.18
CA ILE A 183 40.34 -9.62 -14.82
C ILE A 183 40.67 -8.41 -13.99
N ILE A 184 39.67 -7.91 -13.26
CA ILE A 184 39.91 -6.90 -12.29
C ILE A 184 39.83 -7.54 -10.92
N TRP A 185 40.95 -7.58 -10.21
CA TRP A 185 40.95 -8.18 -8.86
C TRP A 185 40.86 -7.06 -7.83
N GLY A 186 39.99 -7.24 -6.84
CA GLY A 186 39.99 -6.45 -5.64
C GLY A 186 39.06 -5.26 -5.58
N ASN A 187 39.60 -4.11 -5.24
CA ASN A 187 38.82 -2.92 -4.94
C ASN A 187 38.56 -2.05 -6.19
N HIS A 188 37.36 -1.45 -6.27
CA HIS A 188 37.12 -0.43 -7.27
C HIS A 188 37.86 0.85 -6.83
N SER A 189 39.14 0.91 -7.16
CA SER A 189 39.99 2.02 -6.63
C SER A 189 41.33 1.92 -7.33
N SER A 190 42.20 2.85 -6.97
CA SER A 190 43.52 2.83 -7.60
C SER A 190 44.40 1.69 -7.14
N SER A 191 43.96 0.86 -6.19
CA SER A 191 44.69 -0.36 -5.79
C SER A 191 44.31 -1.60 -6.57
N GLN A 192 43.30 -1.49 -7.44
CA GLN A 192 42.87 -2.67 -8.23
C GLN A 192 44.01 -3.27 -9.04
N TYR A 193 43.92 -4.55 -9.31
CA TYR A 193 44.82 -5.25 -10.20
C TYR A 193 44.11 -5.60 -11.50
N PRO A 194 44.38 -4.82 -12.56
CA PRO A 194 43.92 -5.16 -13.92
C PRO A 194 44.89 -6.16 -14.55
N ASP A 195 44.43 -7.36 -14.70
CA ASP A 195 45.26 -8.53 -14.96
C ASP A 195 44.96 -8.97 -16.37
N VAL A 196 45.99 -9.05 -17.21
CA VAL A 196 45.87 -9.50 -18.56
C VAL A 196 46.49 -10.88 -18.81
N ASN A 197 46.87 -11.55 -17.75
CA ASN A 197 47.63 -12.83 -17.87
C ASN A 197 46.78 -13.92 -18.50
N HIS A 198 45.45 -13.77 -18.44
CA HIS A 198 44.52 -14.80 -18.88
C HIS A 198 43.61 -14.27 -20.04
N ALA A 199 43.95 -13.11 -20.58
CA ALA A 199 43.11 -12.41 -21.57
C ALA A 199 43.50 -12.85 -23.00
N LYS A 200 42.55 -12.75 -23.92
CA LYS A 200 42.71 -13.20 -25.29
C LYS A 200 42.18 -12.16 -26.30
N VAL A 201 42.70 -12.24 -27.50
CA VAL A 201 42.26 -11.46 -28.59
C VAL A 201 42.03 -12.40 -29.77
N GLN A 202 40.87 -12.26 -30.42
CA GLN A 202 40.61 -12.99 -31.66
C GLN A 202 41.41 -12.36 -32.79
N THR A 203 42.17 -13.16 -33.51
CA THR A 203 42.93 -12.70 -34.70
C THR A 203 42.56 -13.58 -35.88
N SER A 204 43.05 -13.18 -37.05
CA SER A 204 42.94 -14.02 -38.28
C SER A 204 43.57 -15.41 -38.18
N SER A 205 44.56 -15.61 -37.31
CA SER A 205 45.09 -16.94 -37.02
C SER A 205 44.71 -17.48 -35.65
N GLY A 206 43.51 -17.16 -35.14
CA GLY A 206 42.97 -17.73 -33.89
C GLY A 206 43.09 -16.78 -32.68
N GLU A 207 42.55 -17.23 -31.56
CA GLU A 207 42.64 -16.56 -30.24
C GLU A 207 44.10 -16.54 -29.81
N LYS A 208 44.65 -15.37 -29.53
CA LYS A 208 45.96 -15.28 -28.98
C LYS A 208 45.91 -14.56 -27.64
N PRO A 209 46.88 -14.85 -26.77
CA PRO A 209 46.95 -14.17 -25.51
C PRO A 209 47.38 -12.75 -25.74
N VAL A 210 46.86 -11.87 -24.89
CA VAL A 210 47.15 -10.46 -24.99
C VAL A 210 48.67 -10.17 -24.96
N ARG A 211 49.38 -10.85 -24.05
CA ARG A 211 50.83 -10.55 -23.94
C ARG A 211 51.61 -10.86 -25.24
N GLU A 212 51.17 -11.89 -25.96
CA GLU A 212 51.86 -12.26 -27.21
C GLU A 212 51.66 -11.19 -28.31
N LEU A 213 50.47 -10.56 -28.34
CA LEU A 213 50.19 -9.56 -29.36
C LEU A 213 50.77 -8.23 -29.02
N VAL A 214 50.77 -7.87 -27.76
CA VAL A 214 51.26 -6.57 -27.35
C VAL A 214 52.81 -6.49 -27.40
N LYS A 215 53.48 -7.54 -26.97
CA LYS A 215 54.93 -7.60 -26.92
C LYS A 215 55.49 -6.40 -26.24
N ASP A 216 54.98 -6.10 -25.07
CA ASP A 216 55.53 -5.01 -24.28
C ASP A 216 55.01 -5.21 -22.89
N ASP A 217 55.69 -6.12 -22.21
CA ASP A 217 55.36 -6.46 -20.86
C ASP A 217 55.55 -5.29 -19.95
N ALA A 218 56.54 -4.45 -20.25
CA ALA A 218 56.77 -3.26 -19.42
C ALA A 218 55.51 -2.35 -19.44
N TRP A 219 54.91 -2.18 -20.60
CA TRP A 219 53.71 -1.35 -20.71
C TRP A 219 52.54 -2.04 -19.90
N LEU A 220 52.28 -3.31 -20.20
CA LEU A 220 51.20 -4.06 -19.51
C LEU A 220 51.35 -4.09 -18.02
N ASP A 221 52.60 -4.15 -17.53
CA ASP A 221 52.86 -4.26 -16.10
C ASP A 221 53.02 -2.92 -15.41
N GLY A 222 53.07 -1.84 -16.17
CA GLY A 222 53.31 -0.51 -15.60
C GLY A 222 52.20 0.44 -16.04
N GLU A 223 52.40 1.12 -17.16
CA GLU A 223 51.52 2.23 -17.58
CA GLU A 223 51.52 2.23 -17.57
C GLU A 223 50.06 1.76 -17.86
N PHE A 224 49.90 0.58 -18.43
CA PHE A 224 48.56 -0.01 -18.62
C PHE A 224 47.77 -0.06 -17.29
N ILE A 225 48.43 -0.58 -16.26
CA ILE A 225 47.84 -0.73 -14.94
C ILE A 225 47.53 0.65 -14.36
N SER A 226 48.50 1.56 -14.37
CA SER A 226 48.30 2.94 -13.90
C SER A 226 47.15 3.62 -14.64
N THR A 227 47.09 3.44 -15.95
CA THR A 227 46.03 4.02 -16.76
C THR A 227 44.63 3.53 -16.29
N VAL A 228 44.46 2.24 -16.11
CA VAL A 228 43.19 1.70 -15.62
C VAL A 228 42.89 2.17 -14.21
N GLN A 229 43.91 2.13 -13.36
CA GLN A 229 43.76 2.59 -11.96
C GLN A 229 43.32 4.08 -11.85
N GLN A 230 43.77 4.92 -12.77
CA GLN A 230 43.58 6.36 -12.72
C GLN A 230 42.51 6.84 -13.70
N ARG A 231 41.85 5.93 -14.38
CA ARG A 231 40.94 6.28 -15.48
C ARG A 231 39.75 7.11 -15.03
N GLY A 232 39.16 6.79 -13.87
CA GLY A 232 38.09 7.62 -13.35
C GLY A 232 38.51 9.09 -13.09
N ALA A 233 39.71 9.26 -12.54
CA ALA A 233 40.27 10.62 -12.33
C ALA A 233 40.48 11.28 -13.69
N ALA A 234 40.92 10.51 -14.72
CA ALA A 234 41.09 11.06 -16.06
C ALA A 234 39.77 11.55 -16.68
N ILE A 235 38.68 10.87 -16.41
CA ILE A 235 37.39 11.29 -16.89
C ILE A 235 37.03 12.62 -16.26
N ILE A 236 37.24 12.74 -14.93
CA ILE A 236 36.94 13.96 -14.21
C ILE A 236 37.76 15.12 -14.77
N LYS A 237 39.03 14.88 -15.09
CA LYS A 237 39.91 15.92 -15.66
C LYS A 237 39.35 16.39 -17.03
N ALA A 238 38.85 15.46 -17.85
CA ALA A 238 38.35 15.80 -19.18
C ALA A 238 36.97 16.47 -19.12
N ARG A 239 36.08 15.98 -18.26
CA ARG A 239 34.70 16.39 -18.26
C ARG A 239 34.27 17.27 -17.09
N LYS A 240 35.08 17.36 -16.07
CA LYS A 240 34.72 18.07 -14.81
C LYS A 240 33.63 17.34 -14.04
N LEU A 241 33.38 16.06 -14.38
CA LEU A 241 32.36 15.24 -13.76
C LEU A 241 32.88 13.84 -13.88
N SER A 242 32.55 12.99 -12.91
CA SER A 242 32.91 11.56 -13.00
C SER A 242 32.04 10.84 -14.04
N SER A 243 32.40 9.61 -14.35
N SER A 243 32.40 9.61 -14.35
CA SER A 243 31.82 8.86 -15.45
CA SER A 243 31.82 8.85 -15.45
C SER A 243 30.35 8.58 -15.22
C SER A 243 30.35 8.57 -15.21
N ALA A 244 29.59 8.48 -16.29
CA ALA A 244 28.16 8.24 -16.15
C ALA A 244 27.65 7.38 -17.26
N LEU A 245 27.83 7.81 -18.52
CA LEU A 245 27.46 7.01 -19.64
C LEU A 245 28.08 5.61 -19.54
N SER A 246 29.36 5.55 -19.26
CA SER A 246 30.10 4.30 -19.22
C SER A 246 29.81 3.49 -17.91
N ALA A 247 29.58 4.17 -16.81
CA ALA A 247 29.16 3.52 -15.56
C ALA A 247 27.77 2.88 -15.71
N ALA A 248 26.83 3.63 -16.26
CA ALA A 248 25.50 3.07 -16.57
C ALA A 248 25.55 1.86 -17.49
N SER A 249 26.28 1.99 -18.59
N SER A 249 26.28 2.00 -18.59
CA SER A 249 26.39 0.91 -19.54
CA SER A 249 26.39 0.92 -19.54
C SER A 249 27.03 -0.33 -18.88
C SER A 249 27.03 -0.33 -18.88
N SER A 250 28.06 -0.12 -18.06
CA SER A 250 28.73 -1.21 -17.42
C SER A 250 27.82 -1.85 -16.32
N ALA A 251 27.03 -1.03 -15.63
CA ALA A 251 26.02 -1.59 -14.72
C ALA A 251 24.99 -2.48 -15.44
N CYS A 252 24.55 -2.07 -16.64
CA CYS A 252 23.71 -2.95 -17.49
C CYS A 252 24.43 -4.25 -17.79
N ASP A 253 25.68 -4.18 -18.19
CA ASP A 253 26.47 -5.39 -18.52
C ASP A 253 26.59 -6.33 -17.34
N HIS A 254 26.83 -5.78 -16.15
CA HIS A 254 26.95 -6.55 -14.92
C HIS A 254 25.69 -7.31 -14.62
N ILE A 255 24.55 -6.60 -14.57
CA ILE A 255 23.27 -7.25 -14.35
C ILE A 255 22.91 -8.27 -15.44
N ARG A 256 23.07 -7.85 -16.69
CA ARG A 256 22.71 -8.68 -17.83
CA ARG A 256 22.71 -8.68 -17.83
C ARG A 256 23.47 -10.02 -17.80
N ASP A 257 24.78 -9.94 -17.62
CA ASP A 257 25.57 -11.16 -17.57
C ASP A 257 25.19 -12.06 -16.38
N TRP A 258 24.90 -11.43 -15.25
CA TRP A 258 24.52 -12.13 -14.05
C TRP A 258 23.22 -12.88 -14.23
N VAL A 259 22.23 -12.23 -14.81
CA VAL A 259 20.92 -12.79 -14.95
C VAL A 259 20.81 -13.70 -16.20
N LEU A 260 21.28 -13.27 -17.34
CA LEU A 260 21.11 -14.01 -18.56
C LEU A 260 22.28 -14.99 -18.79
N GLY A 261 23.37 -14.85 -18.08
CA GLY A 261 24.53 -15.77 -18.21
C GLY A 261 25.66 -15.17 -19.03
N THR A 262 26.89 -15.56 -18.71
CA THR A 262 28.02 -15.19 -19.54
C THR A 262 28.10 -16.13 -20.76
N PRO A 263 28.54 -15.63 -21.91
CA PRO A 263 28.85 -16.48 -23.07
C PRO A 263 29.87 -17.56 -22.74
N GLU A 264 29.75 -18.71 -23.40
CA GLU A 264 30.75 -19.74 -23.38
C GLU A 264 32.13 -19.17 -23.73
N GLY A 265 33.11 -19.49 -22.94
CA GLY A 265 34.46 -19.00 -23.17
C GLY A 265 34.78 -17.63 -22.62
N THR A 266 33.84 -16.96 -21.96
CA THR A 266 34.06 -15.66 -21.42
C THR A 266 33.88 -15.68 -19.90
N PHE A 267 34.74 -14.96 -19.21
CA PHE A 267 34.48 -14.56 -17.86
C PHE A 267 34.56 -13.01 -17.73
N VAL A 268 33.92 -12.51 -16.68
CA VAL A 268 33.83 -11.07 -16.42
C VAL A 268 34.13 -10.79 -14.95
N SER A 269 34.34 -9.55 -14.59
CA SER A 269 34.69 -9.22 -13.25
C SER A 269 33.45 -8.73 -12.48
N MET A 270 33.29 -9.21 -11.26
CA MET A 270 32.22 -8.76 -10.34
C MET A 270 32.78 -8.66 -8.94
N GLY A 271 32.47 -7.57 -8.25
CA GLY A 271 32.71 -7.51 -6.80
C GLY A 271 31.69 -8.31 -6.06
N VAL A 272 32.13 -9.34 -5.38
CA VAL A 272 31.22 -10.32 -4.71
C VAL A 272 31.77 -10.67 -3.33
N TYR A 273 30.95 -11.35 -2.55
CA TYR A 273 31.29 -11.64 -1.16
C TYR A 273 32.33 -12.80 -1.16
N SER A 274 33.55 -12.50 -0.73
CA SER A 274 34.64 -13.48 -0.81
CA SER A 274 34.63 -13.48 -0.82
C SER A 274 34.38 -14.67 0.10
N ASP A 275 34.74 -15.84 -0.41
CA ASP A 275 34.56 -17.09 0.30
C ASP A 275 35.90 -17.76 0.63
N GLY A 276 37.03 -17.07 0.49
CA GLY A 276 38.33 -17.70 0.68
C GLY A 276 39.01 -18.10 -0.61
N SER A 277 38.29 -18.06 -1.75
CA SER A 277 38.91 -18.35 -3.05
C SER A 277 40.14 -17.48 -3.29
N TYR A 278 41.17 -18.07 -3.89
CA TYR A 278 42.42 -17.43 -4.23
C TYR A 278 43.18 -16.84 -3.02
N SER A 279 42.91 -17.43 -1.84
CA SER A 279 43.47 -16.96 -0.57
C SER A 279 43.22 -15.50 -0.30
N VAL A 280 42.11 -14.97 -0.82
CA VAL A 280 41.68 -13.65 -0.49
C VAL A 280 40.90 -13.81 0.83
N PRO A 281 41.12 -12.91 1.81
CA PRO A 281 40.32 -13.00 3.03
C PRO A 281 38.84 -13.12 2.78
N SER A 282 38.16 -13.97 3.55
CA SER A 282 36.74 -14.19 3.37
C SER A 282 36.01 -13.02 4.02
N GLY A 283 34.80 -12.78 3.64
CA GLY A 283 33.99 -11.69 4.21
C GLY A 283 34.28 -10.27 3.73
N LEU A 284 34.94 -10.12 2.61
CA LEU A 284 35.12 -8.81 1.95
C LEU A 284 34.25 -8.83 0.69
N ILE A 285 33.86 -7.62 0.24
CA ILE A 285 33.36 -7.50 -1.11
C ILE A 285 34.59 -7.21 -1.97
N TYR A 286 34.90 -8.16 -2.86
CA TYR A 286 36.16 -8.20 -3.59
C TYR A 286 35.89 -8.66 -5.00
N SER A 287 36.54 -7.99 -5.98
CA SER A 287 36.32 -8.32 -7.39
C SER A 287 37.12 -9.57 -7.75
N PHE A 288 36.41 -10.50 -8.36
CA PHE A 288 36.89 -11.75 -8.89
C PHE A 288 36.48 -11.96 -10.35
N PRO A 289 37.17 -12.84 -11.06
CA PRO A 289 36.69 -13.33 -12.32
C PRO A 289 35.61 -14.32 -12.09
N VAL A 290 34.50 -14.16 -12.82
CA VAL A 290 33.36 -15.06 -12.65
C VAL A 290 32.75 -15.43 -13.93
N THR A 291 32.03 -16.57 -13.92
CA THR A 291 31.08 -16.90 -14.94
C THR A 291 29.71 -16.91 -14.29
N CYS A 292 28.67 -16.73 -15.09
CA CYS A 292 27.33 -16.70 -14.56
C CYS A 292 26.44 -17.67 -15.33
N ARG A 293 25.62 -18.40 -14.55
CA ARG A 293 24.63 -19.30 -15.12
C ARG A 293 23.50 -19.47 -14.11
N ASN A 294 22.26 -19.60 -14.61
CA ASN A 294 21.08 -19.73 -13.74
C ASN A 294 20.92 -18.60 -12.74
N GLY A 295 21.33 -17.37 -13.10
CA GLY A 295 21.22 -16.25 -12.15
C GLY A 295 22.21 -16.23 -11.01
N ASP A 296 23.25 -17.05 -11.10
CA ASP A 296 24.26 -17.10 -10.06
CA ASP A 296 24.26 -17.10 -10.06
C ASP A 296 25.66 -16.95 -10.63
N TRP A 297 26.50 -16.22 -9.89
CA TRP A 297 27.93 -16.12 -10.22
C TRP A 297 28.67 -17.28 -9.66
N SER A 298 29.77 -17.61 -10.31
CA SER A 298 30.69 -18.62 -9.86
C SER A 298 32.12 -18.16 -10.17
N ILE A 299 32.95 -18.09 -9.12
CA ILE A 299 34.33 -17.64 -9.28
C ILE A 299 35.05 -18.63 -10.22
N VAL A 300 35.82 -18.12 -11.17
CA VAL A 300 36.56 -18.97 -12.09
C VAL A 300 37.76 -19.49 -11.25
N GLN A 301 37.70 -20.78 -10.92
CA GLN A 301 38.73 -21.44 -10.12
C GLN A 301 39.82 -21.97 -11.07
N GLY A 302 41.00 -22.20 -10.55
CA GLY A 302 42.07 -22.85 -11.29
C GLY A 302 42.91 -21.96 -12.19
N LEU A 303 42.81 -20.65 -12.02
CA LEU A 303 43.70 -19.77 -12.78
C LEU A 303 45.09 -19.78 -12.11
N PRO A 304 46.16 -19.87 -12.90
CA PRO A 304 47.44 -19.81 -12.25
C PRO A 304 47.78 -18.37 -11.76
N ILE A 305 48.24 -18.24 -10.54
CA ILE A 305 48.60 -16.97 -9.96
C ILE A 305 50.12 -16.88 -9.69
N ASP A 306 50.81 -15.98 -10.35
CA ASP A 306 52.26 -15.80 -10.13
C ASP A 306 52.50 -14.87 -8.90
N GLU A 307 53.76 -14.71 -8.54
CA GLU A 307 54.19 -13.96 -7.38
C GLU A 307 53.76 -12.50 -7.40
N VAL A 308 53.93 -11.86 -8.54
CA VAL A 308 53.55 -10.44 -8.70
C VAL A 308 52.03 -10.28 -8.56
N SER A 309 51.26 -11.16 -9.22
CA SER A 309 49.79 -11.17 -9.11
C SER A 309 49.35 -11.38 -7.65
N ARG A 310 49.96 -12.35 -6.97
CA ARG A 310 49.67 -12.60 -5.57
C ARG A 310 49.82 -11.30 -4.74
N LYS A 311 50.96 -10.62 -4.91
CA LYS A 311 51.25 -9.48 -4.11
C LYS A 311 50.22 -8.35 -4.36
N LYS A 312 49.88 -8.15 -5.63
CA LYS A 312 48.84 -7.15 -5.99
C LYS A 312 47.48 -7.50 -5.41
N MET A 313 47.10 -8.77 -5.44
CA MET A 313 45.83 -9.24 -4.90
C MET A 313 45.76 -9.01 -3.41
N ASP A 314 46.88 -9.20 -2.73
CA ASP A 314 46.92 -8.99 -1.28
C ASP A 314 46.93 -7.51 -0.93
N LEU A 315 47.63 -6.69 -1.70
CA LEU A 315 47.67 -5.23 -1.47
C LEU A 315 46.26 -4.60 -1.55
N THR A 316 45.51 -5.02 -2.54
CA THR A 316 44.16 -4.49 -2.70
C THR A 316 43.22 -5.02 -1.58
N ALA A 317 43.39 -6.30 -1.17
CA ALA A 317 42.65 -6.83 0.00
C ALA A 317 42.89 -5.99 1.26
N GLU A 318 44.13 -5.58 1.44
CA GLU A 318 44.52 -4.76 2.61
C GLU A 318 43.88 -3.40 2.53
N GLU A 319 43.82 -2.80 1.34
CA GLU A 319 43.10 -1.52 1.24
C GLU A 319 41.64 -1.67 1.59
N LEU A 320 41.05 -2.80 1.20
CA LEU A 320 39.64 -3.02 1.49
C LEU A 320 39.43 -3.14 3.00
N LYS A 321 40.38 -3.78 3.69
CA LYS A 321 40.31 -3.85 5.17
C LYS A 321 40.41 -2.48 5.81
N GLU A 322 41.29 -1.63 5.28
CA GLU A 322 41.43 -0.25 5.73
C GLU A 322 40.13 0.55 5.57
N GLU A 323 39.54 0.43 4.37
CA GLU A 323 38.25 1.05 4.13
C GLU A 323 37.16 0.56 5.09
N LYS A 324 37.09 -0.75 5.27
CA LYS A 324 36.16 -1.33 6.22
C LYS A 324 36.32 -0.73 7.62
N ASP A 325 37.56 -0.58 8.07
CA ASP A 325 37.83 0.02 9.39
C ASP A 325 37.38 1.44 9.42
N LEU A 326 37.57 2.18 8.34
CA LEU A 326 37.13 3.58 8.33
C LEU A 326 35.59 3.68 8.35
N ALA A 327 34.95 2.80 7.59
CA ALA A 327 33.50 2.78 7.54
C ALA A 327 32.93 2.49 8.92
N TYR A 328 33.50 1.47 9.54
CA TYR A 328 33.10 1.12 10.93
C TYR A 328 33.23 2.32 11.87
N SER A 329 34.36 3.02 11.73
CA SER A 329 34.64 4.19 12.51
C SER A 329 33.59 5.28 12.36
N CYS A 330 33.14 5.50 11.13
CA CYS A 330 32.04 6.42 10.86
C CYS A 330 30.67 6.01 11.41
N LEU A 331 30.40 4.72 11.58
CA LEU A 331 29.10 4.21 11.95
C LEU A 331 28.87 3.94 13.42
N SER A 332 29.80 4.33 14.28
CA SER A 332 29.74 3.93 15.71
C SER A 332 29.71 5.19 16.48
N GLU B 4 -38.83 -5.70 4.39
CA GLU B 4 -37.81 -5.22 3.47
C GLU B 4 -36.37 -5.28 4.03
N PRO B 5 -36.04 -4.74 5.21
CA PRO B 5 -34.63 -4.69 5.60
C PRO B 5 -34.10 -6.03 6.08
N VAL B 6 -32.80 -6.30 5.84
CA VAL B 6 -32.16 -7.50 6.36
C VAL B 6 -31.46 -7.14 7.66
N ARG B 7 -31.62 -8.00 8.67
CA ARG B 7 -31.02 -7.79 9.94
C ARG B 7 -29.66 -8.52 9.97
N VAL B 8 -28.62 -7.73 10.21
CA VAL B 8 -27.24 -8.23 10.24
C VAL B 8 -26.64 -8.05 11.58
N LEU B 9 -26.20 -9.15 12.22
CA LEU B 9 -25.45 -9.09 13.45
C LEU B 9 -23.96 -9.05 13.17
N VAL B 10 -23.27 -8.13 13.86
CA VAL B 10 -21.83 -8.16 13.93
C VAL B 10 -21.46 -8.28 15.39
N THR B 11 -20.80 -9.39 15.74
CA THR B 11 -20.23 -9.50 17.08
C THR B 11 -18.81 -8.99 17.05
N GLY B 12 -18.25 -8.65 18.20
CA GLY B 12 -16.94 -7.97 18.24
C GLY B 12 -16.99 -6.54 17.62
N ALA B 13 -18.19 -5.94 17.61
CA ALA B 13 -18.43 -4.73 16.86
C ALA B 13 -17.61 -3.50 17.35
N ALA B 14 -17.19 -3.48 18.60
CA ALA B 14 -16.36 -2.37 19.10
C ALA B 14 -14.89 -2.53 18.80
N GLY B 15 -14.50 -3.57 18.06
CA GLY B 15 -13.10 -3.73 17.73
C GLY B 15 -12.65 -3.13 16.41
N GLN B 16 -11.45 -3.48 16.03
CA GLN B 16 -10.82 -2.95 14.81
C GLN B 16 -11.57 -3.38 13.56
N ILE B 17 -11.83 -4.67 13.43
CA ILE B 17 -12.55 -5.16 12.26
C ILE B 17 -13.99 -4.67 12.27
N GLY B 18 -14.59 -4.67 13.45
CA GLY B 18 -15.95 -4.20 13.57
C GLY B 18 -16.12 -2.75 13.06
N TYR B 19 -15.21 -1.91 13.45
CA TYR B 19 -15.16 -0.53 12.99
C TYR B 19 -15.00 -0.34 11.49
N ALA B 20 -14.17 -1.17 10.87
CA ALA B 20 -14.03 -1.20 9.40
C ALA B 20 -15.23 -1.79 8.68
N LEU B 21 -15.93 -2.71 9.36
CA LEU B 21 -17.00 -3.49 8.75
C LEU B 21 -18.36 -2.88 8.78
N VAL B 22 -18.77 -2.39 9.94
CA VAL B 22 -20.15 -1.84 10.01
C VAL B 22 -20.49 -0.75 8.96
N PRO B 23 -19.55 0.18 8.63
CA PRO B 23 -19.96 1.11 7.61
C PRO B 23 -20.07 0.48 6.22
N MET B 24 -19.29 -0.55 5.96
CA MET B 24 -19.39 -1.27 4.66
CA MET B 24 -19.40 -1.26 4.67
C MET B 24 -20.77 -1.93 4.53
N ILE B 25 -21.24 -2.53 5.62
CA ILE B 25 -22.57 -3.15 5.59
C ILE B 25 -23.63 -2.02 5.36
N ALA B 26 -23.49 -0.91 6.09
CA ALA B 26 -24.43 0.21 5.98
C ALA B 26 -24.48 0.81 4.59
N ARG B 27 -23.40 0.69 3.87
CA ARG B 27 -23.29 1.21 2.51
C ARG B 27 -23.71 0.27 1.45
N GLY B 28 -24.11 -0.97 1.81
CA GLY B 28 -24.63 -1.88 0.83
C GLY B 28 -23.62 -2.81 0.22
N ILE B 29 -22.39 -2.80 0.72
CA ILE B 29 -21.33 -3.61 0.15
C ILE B 29 -21.49 -5.09 0.45
N MET B 30 -22.18 -5.40 1.55
CA MET B 30 -22.43 -6.78 1.93
C MET B 30 -23.65 -7.38 1.18
N LEU B 31 -24.76 -6.64 1.11
CA LEU B 31 -26.01 -7.21 0.57
C LEU B 31 -26.57 -6.53 -0.67
N GLY B 32 -25.84 -5.57 -1.22
CA GLY B 32 -26.23 -4.87 -2.45
C GLY B 32 -26.74 -3.47 -2.20
N ALA B 33 -26.54 -2.60 -3.20
CA ALA B 33 -26.85 -1.16 -3.14
C ALA B 33 -28.32 -0.80 -2.95
N ASP B 34 -29.22 -1.73 -3.22
CA ASP B 34 -30.63 -1.51 -3.12
C ASP B 34 -31.25 -2.21 -1.90
N GLN B 35 -30.45 -2.76 -0.97
CA GLN B 35 -30.96 -3.59 0.10
C GLN B 35 -30.78 -2.91 1.46
N PRO B 36 -31.86 -2.39 2.04
CA PRO B 36 -31.75 -1.76 3.35
C PRO B 36 -31.33 -2.76 4.41
N VAL B 37 -30.67 -2.26 5.46
CA VAL B 37 -30.20 -3.09 6.51
C VAL B 37 -30.51 -2.52 7.87
N ILE B 38 -30.63 -3.43 8.83
CA ILE B 38 -30.66 -3.11 10.23
C ILE B 38 -29.43 -3.82 10.84
N LEU B 39 -28.66 -3.07 11.62
CA LEU B 39 -27.47 -3.61 12.30
C LEU B 39 -27.82 -3.98 13.71
N HIS B 40 -27.33 -5.15 14.16
CA HIS B 40 -27.21 -5.47 15.56
C HIS B 40 -25.72 -5.63 15.84
N MET B 41 -25.24 -4.96 16.86
CA MET B 41 -23.83 -4.92 17.19
C MET B 41 -23.75 -5.44 18.60
N LEU B 42 -22.91 -6.47 18.77
CA LEU B 42 -22.70 -7.09 20.06
C LEU B 42 -21.23 -7.00 20.44
N ASP B 43 -20.96 -6.56 21.68
CA ASP B 43 -19.63 -6.64 22.23
C ASP B 43 -19.77 -6.96 23.71
N ILE B 44 -18.74 -6.77 24.49
CA ILE B 44 -18.77 -7.18 25.89
C ILE B 44 -18.68 -5.92 26.79
N PRO B 45 -19.12 -6.08 28.07
CA PRO B 45 -19.23 -4.87 28.93
C PRO B 45 -17.99 -3.95 29.06
N PRO B 46 -16.76 -4.47 29.11
CA PRO B 46 -15.63 -3.53 29.15
C PRO B 46 -15.53 -2.63 27.90
N ALA B 47 -16.12 -3.01 26.77
CA ALA B 47 -16.12 -2.17 25.56
C ALA B 47 -17.43 -1.37 25.33
N ALA B 48 -18.23 -1.24 26.37
CA ALA B 48 -19.60 -0.72 26.17
C ALA B 48 -19.55 0.73 25.74
N GLU B 49 -18.66 1.55 26.27
CA GLU B 49 -18.59 2.95 25.88
C GLU B 49 -18.17 3.06 24.38
N ALA B 50 -17.12 2.33 24.01
CA ALA B 50 -16.68 2.31 22.60
C ALA B 50 -17.81 1.81 21.68
N LEU B 51 -18.56 0.82 22.11
CA LEU B 51 -19.63 0.29 21.30
C LEU B 51 -20.73 1.34 21.05
N ASN B 52 -21.09 2.04 22.12
CA ASN B 52 -22.06 3.11 22.00
C ASN B 52 -21.53 4.19 21.04
N GLY B 53 -20.21 4.41 21.11
CA GLY B 53 -19.52 5.32 20.19
C GLY B 53 -19.70 4.95 18.74
N VAL B 54 -19.62 3.66 18.45
CA VAL B 54 -19.82 3.19 17.10
C VAL B 54 -21.23 3.46 16.65
N LYS B 55 -22.22 3.19 17.51
CA LYS B 55 -23.62 3.47 17.15
C LYS B 55 -23.77 4.99 16.81
N MET B 56 -23.19 5.82 17.67
CA MET B 56 -23.26 7.27 17.48
C MET B 56 -22.72 7.63 16.06
N GLU B 57 -21.57 7.03 15.71
CA GLU B 57 -20.99 7.32 14.41
C GLU B 57 -21.83 6.83 13.25
N LEU B 58 -22.49 5.67 13.41
CA LEU B 58 -23.33 5.15 12.36
C LEU B 58 -24.50 6.10 12.11
N ILE B 59 -25.07 6.61 13.20
CA ILE B 59 -26.14 7.62 13.09
C ILE B 59 -25.59 8.89 12.40
N ASP B 60 -24.40 9.32 12.82
CA ASP B 60 -23.79 10.53 12.32
C ASP B 60 -23.43 10.51 10.83
N ALA B 61 -23.27 9.33 10.27
CA ALA B 61 -22.97 9.17 8.84
C ALA B 61 -24.17 9.29 7.92
N ALA B 62 -25.37 9.26 8.49
CA ALA B 62 -26.61 9.46 7.69
C ALA B 62 -26.67 8.53 6.52
N PHE B 63 -26.49 7.23 6.82
CA PHE B 63 -26.48 6.18 5.82
C PHE B 63 -27.91 5.93 5.32
N PRO B 64 -28.19 6.21 4.03
CA PRO B 64 -29.57 6.01 3.59
C PRO B 64 -30.10 4.55 3.62
N LEU B 65 -29.22 3.57 3.46
CA LEU B 65 -29.69 2.20 3.55
C LEU B 65 -29.89 1.70 4.97
N LEU B 66 -29.41 2.44 5.98
CA LEU B 66 -29.46 1.93 7.35
C LEU B 66 -30.78 2.32 8.02
N LYS B 67 -31.54 1.31 8.48
CA LYS B 67 -32.84 1.53 9.07
C LYS B 67 -32.92 1.28 10.54
N GLY B 68 -31.83 0.95 11.20
CA GLY B 68 -31.84 0.78 12.63
C GLY B 68 -30.53 0.25 13.11
N VAL B 69 -30.17 0.52 14.34
CA VAL B 69 -28.97 0.01 14.96
C VAL B 69 -29.27 -0.36 16.41
N VAL B 70 -29.03 -1.63 16.75
CA VAL B 70 -29.13 -2.10 18.10
C VAL B 70 -27.68 -2.30 18.54
N ALA B 71 -27.28 -1.68 19.63
CA ALA B 71 -25.97 -1.89 20.23
C ALA B 71 -26.14 -2.48 21.62
N THR B 72 -25.58 -3.64 21.86
CA THR B 72 -25.79 -4.33 23.12
C THR B 72 -24.62 -5.21 23.55
N THR B 73 -24.61 -5.55 24.84
CA THR B 73 -23.75 -6.59 25.39
C THR B 73 -24.46 -7.89 25.78
N ASP B 74 -25.74 -7.95 25.42
CA ASP B 74 -26.55 -9.14 25.68
C ASP B 74 -26.64 -9.96 24.39
N ALA B 75 -26.07 -11.15 24.43
CA ALA B 75 -26.01 -12.03 23.24
C ALA B 75 -27.38 -12.43 22.69
N VAL B 76 -28.32 -12.69 23.57
CA VAL B 76 -29.67 -13.01 23.13
C VAL B 76 -30.31 -11.85 22.37
N GLU B 77 -30.25 -10.66 22.93
CA GLU B 77 -30.76 -9.45 22.24
C GLU B 77 -30.03 -9.31 20.88
N GLY B 78 -28.71 -9.45 20.88
CA GLY B 78 -27.97 -9.26 19.63
C GLY B 78 -28.44 -10.22 18.55
N CYS B 79 -28.65 -11.48 18.93
CA CYS B 79 -28.99 -12.54 17.97
C CYS B 79 -30.43 -12.60 17.50
N THR B 80 -31.32 -11.93 18.21
CA THR B 80 -32.75 -11.98 17.92
C THR B 80 -33.16 -11.49 16.56
N GLY B 81 -33.75 -12.38 15.77
CA GLY B 81 -34.29 -12.07 14.44
C GLY B 81 -33.22 -11.84 13.36
N VAL B 82 -31.94 -12.18 13.63
CA VAL B 82 -30.93 -11.84 12.60
C VAL B 82 -30.95 -12.82 11.45
N ASN B 83 -30.68 -12.31 10.25
CA ASN B 83 -30.63 -13.09 9.01
C ASN B 83 -29.22 -13.39 8.55
N VAL B 84 -28.27 -12.56 8.97
CA VAL B 84 -26.86 -12.75 8.74
C VAL B 84 -26.17 -12.50 10.04
N ALA B 85 -25.23 -13.37 10.41
CA ALA B 85 -24.41 -13.15 11.59
C ALA B 85 -22.94 -13.26 11.24
N VAL B 86 -22.23 -12.14 11.42
CA VAL B 86 -20.82 -12.04 11.18
C VAL B 86 -20.13 -11.98 12.52
N MET B 87 -19.42 -13.05 12.86
CA MET B 87 -18.88 -13.24 14.21
CA MET B 87 -18.88 -13.24 14.21
C MET B 87 -17.42 -12.86 14.27
N VAL B 88 -17.17 -11.66 14.79
CA VAL B 88 -15.83 -11.11 14.89
C VAL B 88 -15.37 -11.04 16.33
N GLY B 89 -16.25 -11.35 17.27
CA GLY B 89 -15.88 -11.30 18.68
C GLY B 89 -14.78 -12.30 19.03
N GLY B 90 -13.76 -11.80 19.69
CA GLY B 90 -12.63 -12.63 20.02
C GLY B 90 -11.47 -11.85 20.52
N PHE B 91 -10.37 -12.58 20.69
CA PHE B 91 -9.13 -12.02 21.25
C PHE B 91 -8.00 -12.42 20.34
N PRO B 92 -7.43 -11.47 19.59
CA PRO B 92 -6.30 -11.81 18.70
C PRO B 92 -5.06 -12.14 19.54
N ARG B 93 -4.22 -13.04 19.04
CA ARG B 93 -3.00 -13.49 19.70
C ARG B 93 -2.06 -12.27 19.87
N LYS B 94 -1.64 -12.01 21.10
CA LYS B 94 -0.68 -10.95 21.40
C LYS B 94 0.59 -11.67 21.84
N GLU B 95 1.74 -11.05 21.54
CA GLU B 95 3.03 -11.72 21.74
C GLU B 95 3.17 -12.12 23.21
N GLY B 96 3.61 -13.34 23.46
CA GLY B 96 3.64 -13.86 24.81
C GLY B 96 2.46 -14.70 25.25
N MET B 97 1.35 -14.72 24.49
CA MET B 97 0.29 -15.71 24.71
C MET B 97 0.66 -17.06 24.10
N GLU B 98 0.30 -18.15 24.77
CA GLU B 98 0.52 -19.50 24.20
C GLU B 98 -0.68 -19.94 23.33
N ARG B 99 -0.43 -20.87 22.40
CA ARG B 99 -1.45 -21.38 21.49
C ARG B 99 -2.72 -21.90 22.23
N LYS B 100 -2.54 -22.56 23.37
CA LYS B 100 -3.67 -23.05 24.18
C LYS B 100 -4.53 -21.91 24.77
N ASP B 101 -3.90 -20.78 25.04
CA ASP B 101 -4.61 -19.66 25.73
C ASP B 101 -5.46 -18.91 24.72
N VAL B 102 -4.85 -18.65 23.57
CA VAL B 102 -5.55 -18.10 22.43
C VAL B 102 -6.78 -18.99 22.09
N MET B 103 -6.50 -20.25 21.92
CA MET B 103 -7.60 -21.20 21.66
C MET B 103 -8.65 -21.15 22.72
N SER B 104 -8.24 -21.29 23.97
CA SER B 104 -9.23 -21.38 25.07
C SER B 104 -10.09 -20.08 25.18
N LYS B 105 -9.47 -18.93 25.08
CA LYS B 105 -10.22 -17.64 25.22
C LYS B 105 -11.23 -17.42 24.04
N ASN B 106 -10.88 -17.91 22.85
CA ASN B 106 -11.75 -17.75 21.68
C ASN B 106 -12.81 -18.82 21.51
N VAL B 107 -12.45 -20.12 21.64
CA VAL B 107 -13.49 -21.15 21.46
C VAL B 107 -14.59 -21.10 22.52
N SER B 108 -14.29 -20.64 23.73
CA SER B 108 -15.33 -20.46 24.77
C SER B 108 -16.43 -19.50 24.35
N ILE B 109 -16.06 -18.50 23.55
CA ILE B 109 -17.07 -17.55 23.02
C ILE B 109 -18.08 -18.29 22.16
N TYR B 110 -17.54 -19.10 21.26
CA TYR B 110 -18.37 -19.81 20.30
C TYR B 110 -19.21 -20.91 20.90
N LYS B 111 -18.68 -21.56 21.92
CA LYS B 111 -19.54 -22.54 22.66
C LYS B 111 -20.72 -21.81 23.25
N SER B 112 -20.43 -20.69 23.92
CA SER B 112 -21.46 -19.93 24.60
C SER B 112 -22.49 -19.28 23.70
N GLN B 113 -22.04 -18.60 22.64
CA GLN B 113 -23.00 -17.93 21.74
C GLN B 113 -23.78 -18.86 20.82
N ALA B 114 -23.38 -20.14 20.70
CA ALA B 114 -24.09 -21.08 19.82
C ALA B 114 -25.57 -21.21 20.21
N ALA B 115 -25.85 -21.25 21.51
CA ALA B 115 -27.21 -21.41 22.02
C ALA B 115 -28.08 -20.17 21.69
N ALA B 116 -27.49 -18.99 21.93
CA ALA B 116 -28.19 -17.74 21.65
C ALA B 116 -28.55 -17.64 20.17
N LEU B 117 -27.62 -18.04 19.29
CA LEU B 117 -27.87 -17.94 17.87
C LEU B 117 -28.94 -18.94 17.43
N GLU B 118 -28.71 -20.18 17.89
CA GLU B 118 -29.58 -21.27 17.51
C GLU B 118 -31.04 -20.97 17.91
N LYS B 119 -31.21 -20.43 19.11
CA LYS B 119 -32.56 -20.17 19.64
C LYS B 119 -33.21 -18.92 19.17
N HIS B 120 -32.44 -17.89 18.82
CA HIS B 120 -33.02 -16.58 18.56
C HIS B 120 -32.84 -16.01 17.16
N ALA B 121 -31.85 -16.48 16.38
CA ALA B 121 -31.73 -15.96 15.03
C ALA B 121 -32.91 -16.35 14.17
N ALA B 122 -33.11 -15.64 13.09
CA ALA B 122 -34.16 -15.98 12.19
C ALA B 122 -33.85 -17.34 11.53
N PRO B 123 -34.90 -18.05 11.10
CA PRO B 123 -34.74 -19.25 10.30
C PRO B 123 -33.85 -18.96 9.07
N ASN B 124 -32.92 -19.86 8.82
CA ASN B 124 -32.07 -19.78 7.63
C ASN B 124 -31.00 -18.65 7.74
N CYS B 125 -30.75 -18.18 8.97
CA CYS B 125 -29.68 -17.22 9.21
C CYS B 125 -28.33 -17.76 8.69
N LYS B 126 -27.63 -16.93 7.92
CA LYS B 126 -26.29 -17.32 7.41
C LYS B 126 -25.23 -16.82 8.36
N VAL B 127 -24.37 -17.72 8.81
CA VAL B 127 -23.38 -17.42 9.82
C VAL B 127 -21.95 -17.45 9.22
N LEU B 128 -21.15 -16.41 9.48
CA LEU B 128 -19.77 -16.35 9.05
C LEU B 128 -18.92 -16.03 10.25
N VAL B 129 -17.97 -16.92 10.57
CA VAL B 129 -17.04 -16.74 11.66
C VAL B 129 -15.75 -16.15 11.10
N VAL B 130 -15.41 -14.97 11.63
CA VAL B 130 -14.19 -14.24 11.25
C VAL B 130 -13.11 -14.45 12.32
N ALA B 131 -13.52 -14.39 13.57
CA ALA B 131 -12.57 -14.45 14.67
C ALA B 131 -11.69 -15.68 14.61
N ASN B 132 -10.43 -15.50 15.00
CA ASN B 132 -9.45 -16.59 14.89
C ASN B 132 -9.43 -17.39 16.18
N PRO B 133 -9.15 -18.69 16.09
CA PRO B 133 -8.86 -19.45 14.84
C PRO B 133 -10.18 -19.73 14.11
N ALA B 134 -10.29 -19.24 12.86
CA ALA B 134 -11.60 -19.13 12.24
C ALA B 134 -12.28 -20.46 12.05
N ASN B 135 -11.58 -21.44 11.47
CA ASN B 135 -12.19 -22.72 11.15
C ASN B 135 -12.66 -23.43 12.45
N THR B 136 -11.80 -23.41 13.44
CA THR B 136 -12.05 -24.13 14.68
C THR B 136 -13.16 -23.46 15.54
N ASN B 137 -13.15 -22.13 15.59
CA ASN B 137 -14.25 -21.41 16.20
C ASN B 137 -15.57 -21.76 15.53
N ALA B 138 -15.59 -21.81 14.22
CA ALA B 138 -16.81 -22.19 13.48
C ALA B 138 -17.26 -23.61 13.76
N LEU B 139 -16.27 -24.51 13.88
CA LEU B 139 -16.58 -25.91 14.14
C LEU B 139 -17.26 -26.07 15.48
N ILE B 140 -16.69 -25.41 16.48
CA ILE B 140 -17.24 -25.40 17.85
C ILE B 140 -18.66 -24.81 17.86
N LEU B 141 -18.84 -23.68 17.14
CA LEU B 141 -20.17 -23.12 17.02
C LEU B 141 -21.15 -24.15 16.43
N LYS B 142 -20.75 -24.77 15.34
CA LYS B 142 -21.62 -25.71 14.68
C LYS B 142 -22.00 -26.87 15.67
N GLU B 143 -21.00 -27.38 16.38
CA GLU B 143 -21.23 -28.55 17.28
C GLU B 143 -22.12 -28.20 18.46
N PHE B 144 -22.04 -26.95 18.94
CA PHE B 144 -22.92 -26.51 20.00
C PHE B 144 -24.26 -25.94 19.53
N ALA B 145 -24.48 -25.85 18.22
CA ALA B 145 -25.77 -25.37 17.68
C ALA B 145 -26.27 -26.39 16.66
N PRO B 146 -26.57 -27.60 17.12
CA PRO B 146 -26.96 -28.67 16.20
C PRO B 146 -28.25 -28.42 15.42
N SER B 147 -29.11 -27.53 15.87
CA SER B 147 -30.32 -27.19 15.10
C SER B 147 -30.07 -26.20 13.96
N ILE B 148 -28.92 -25.53 13.92
CA ILE B 148 -28.64 -24.68 12.73
C ILE B 148 -28.24 -25.63 11.60
N PRO B 149 -28.89 -25.54 10.43
CA PRO B 149 -28.44 -26.34 9.31
C PRO B 149 -26.92 -26.22 9.09
N GLU B 150 -26.27 -27.38 8.90
CA GLU B 150 -24.83 -27.44 8.82
C GLU B 150 -24.28 -26.56 7.65
N LYS B 151 -25.04 -26.44 6.60
CA LYS B 151 -24.64 -25.59 5.46
C LYS B 151 -24.68 -24.08 5.75
N ASN B 152 -25.22 -23.69 6.89
CA ASN B 152 -25.41 -22.28 7.25
C ASN B 152 -24.30 -21.76 8.13
N ILE B 153 -23.30 -22.56 8.43
CA ILE B 153 -22.19 -22.12 9.23
CA ILE B 153 -22.20 -22.10 9.22
C ILE B 153 -20.93 -22.12 8.36
N SER B 154 -20.20 -21.01 8.33
CA SER B 154 -19.00 -20.90 7.54
C SER B 154 -17.95 -20.10 8.25
N CYS B 155 -16.70 -20.17 7.76
CA CYS B 155 -15.66 -19.31 8.30
C CYS B 155 -14.95 -18.60 7.13
N LEU B 156 -14.20 -17.57 7.49
CA LEU B 156 -13.58 -16.70 6.49
C LEU B 156 -12.22 -17.16 6.05
N THR B 157 -12.17 -17.66 4.81
CA THR B 157 -10.95 -17.79 4.08
C THR B 157 -10.92 -16.88 2.87
N ARG B 158 -11.90 -15.98 2.76
CA ARG B 158 -11.99 -15.11 1.56
C ARG B 158 -10.89 -14.07 1.57
N LEU B 159 -10.35 -13.73 2.73
CA LEU B 159 -9.19 -12.85 2.79
C LEU B 159 -7.97 -13.54 2.22
N ASP B 160 -7.75 -14.81 2.60
CA ASP B 160 -6.70 -15.63 1.94
C ASP B 160 -6.84 -15.65 0.42
N HIS B 161 -8.08 -15.84 -0.03
CA HIS B 161 -8.40 -15.95 -1.44
C HIS B 161 -8.09 -14.63 -2.17
N ASN B 162 -8.58 -13.53 -1.61
CA ASN B 162 -8.33 -12.22 -2.13
C ASN B 162 -6.83 -11.86 -2.10
N ARG B 163 -6.11 -12.28 -1.07
CA ARG B 163 -4.69 -12.08 -0.98
C ARG B 163 -4.00 -12.74 -2.14
N ALA B 164 -4.45 -13.95 -2.48
CA ALA B 164 -3.89 -14.73 -3.58
C ALA B 164 -4.15 -14.04 -4.93
N LEU B 165 -5.37 -13.59 -5.11
CA LEU B 165 -5.68 -12.81 -6.32
C LEU B 165 -4.78 -11.56 -6.39
N GLY B 166 -4.62 -10.86 -5.26
CA GLY B 166 -3.72 -9.67 -5.22
C GLY B 166 -2.27 -9.99 -5.59
N GLN B 167 -1.75 -11.09 -5.07
CA GLN B 167 -0.40 -11.52 -5.45
C GLN B 167 -0.20 -11.78 -6.95
N ILE B 168 -1.17 -12.42 -7.57
CA ILE B 168 -1.09 -12.64 -8.99
C ILE B 168 -1.20 -11.33 -9.75
N SER B 169 -2.12 -10.47 -9.33
CA SER B 169 -2.29 -9.17 -9.95
C SER B 169 -0.97 -8.37 -9.90
N GLU B 170 -0.35 -8.33 -8.74
CA GLU B 170 0.92 -7.61 -8.56
C GLU B 170 2.09 -8.22 -9.36
N ARG B 171 2.19 -9.53 -9.35
CA ARG B 171 3.24 -10.20 -10.07
C ARG B 171 3.17 -9.92 -11.57
N LEU B 172 1.96 -9.92 -12.15
CA LEU B 172 1.79 -9.63 -13.57
C LEU B 172 1.60 -8.20 -13.89
N SER B 173 1.43 -7.34 -12.89
CA SER B 173 1.03 -5.95 -13.06
C SER B 173 -0.17 -5.79 -13.97
N VAL B 174 -1.22 -6.53 -13.65
CA VAL B 174 -2.54 -6.35 -14.25
C VAL B 174 -3.58 -6.01 -13.16
N PRO B 175 -4.70 -5.38 -13.55
CA PRO B 175 -5.75 -5.09 -12.58
C PRO B 175 -6.29 -6.36 -11.95
N VAL B 176 -6.59 -6.30 -10.66
CA VAL B 176 -7.09 -7.47 -9.97
C VAL B 176 -8.43 -7.96 -10.50
N SER B 177 -9.21 -7.05 -11.08
CA SER B 177 -10.48 -7.43 -11.70
C SER B 177 -10.27 -8.46 -12.84
N ASP B 178 -9.10 -8.50 -13.42
CA ASP B 178 -8.81 -9.50 -14.46
C ASP B 178 -8.43 -10.89 -13.99
N VAL B 179 -8.29 -11.10 -12.69
CA VAL B 179 -7.79 -12.35 -12.12
C VAL B 179 -8.94 -13.03 -11.39
N LYS B 180 -9.11 -14.30 -11.59
CA LYS B 180 -10.08 -15.13 -10.83
C LYS B 180 -9.66 -16.54 -10.61
N ASN B 181 -10.33 -17.21 -9.69
CA ASN B 181 -10.40 -18.69 -9.60
C ASN B 181 -9.12 -19.30 -9.05
N VAL B 182 -8.44 -18.56 -8.19
CA VAL B 182 -7.59 -19.18 -7.21
C VAL B 182 -8.47 -20.00 -6.26
N ILE B 183 -7.85 -20.89 -5.54
CA ILE B 183 -8.52 -21.74 -4.52
C ILE B 183 -7.69 -21.77 -3.27
N ILE B 184 -8.33 -21.55 -2.13
CA ILE B 184 -7.67 -21.73 -0.87
C ILE B 184 -8.23 -22.98 -0.25
N TRP B 185 -7.41 -24.00 -0.10
CA TRP B 185 -7.81 -25.22 0.56
C TRP B 185 -7.41 -25.23 2.03
N GLY B 186 -8.34 -25.63 2.88
CA GLY B 186 -8.08 -26.02 4.26
C GLY B 186 -8.24 -24.95 5.31
N ASN B 187 -7.18 -24.75 6.12
CA ASN B 187 -7.26 -23.91 7.29
C ASN B 187 -6.90 -22.45 6.98
N HIS B 188 -7.56 -21.50 7.66
CA HIS B 188 -7.11 -20.14 7.69
C HIS B 188 -5.88 -20.03 8.56
N SER B 189 -4.74 -20.36 7.95
CA SER B 189 -3.47 -20.45 8.69
C SER B 189 -2.37 -20.64 7.71
N SER B 190 -1.18 -20.70 8.23
CA SER B 190 0.00 -20.86 7.40
C SER B 190 0.09 -22.27 6.76
N SER B 191 -0.82 -23.20 7.08
CA SER B 191 -0.89 -24.49 6.44
C SER B 191 -1.79 -24.54 5.22
N GLN B 192 -2.51 -23.44 4.95
CA GLN B 192 -3.36 -23.37 3.77
C GLN B 192 -2.64 -23.70 2.48
N TYR B 193 -3.38 -24.21 1.51
CA TYR B 193 -2.86 -24.44 0.17
C TYR B 193 -3.52 -23.45 -0.79
N PRO B 194 -2.78 -22.39 -1.16
CA PRO B 194 -3.25 -21.46 -2.20
C PRO B 194 -2.90 -22.03 -3.60
N ASP B 195 -3.93 -22.46 -4.28
CA ASP B 195 -3.83 -23.30 -5.47
C ASP B 195 -4.18 -22.43 -6.67
N VAL B 196 -3.27 -22.38 -7.66
CA VAL B 196 -3.49 -21.57 -8.84
C VAL B 196 -3.76 -22.37 -10.10
N ASN B 197 -4.00 -23.65 -9.95
CA ASN B 197 -4.12 -24.57 -11.10
C ASN B 197 -5.32 -24.28 -11.95
N HIS B 198 -6.35 -23.63 -11.39
CA HIS B 198 -7.55 -23.31 -12.13
C HIS B 198 -7.79 -21.80 -12.28
N ALA B 199 -6.77 -21.01 -11.94
CA ALA B 199 -6.88 -19.56 -11.94
C ALA B 199 -6.64 -19.08 -13.38
N LYS B 200 -7.32 -17.98 -13.68
CA LYS B 200 -7.29 -17.36 -15.01
CA LYS B 200 -7.26 -17.36 -15.00
C LYS B 200 -7.09 -15.86 -14.93
N VAL B 201 -6.54 -15.33 -16.01
CA VAL B 201 -6.36 -13.92 -16.16
C VAL B 201 -6.93 -13.53 -17.52
N GLN B 202 -7.74 -12.48 -17.55
CA GLN B 202 -8.25 -11.93 -18.79
C GLN B 202 -7.07 -11.15 -19.46
N THR B 203 -6.81 -11.44 -20.72
CA THR B 203 -5.78 -10.75 -21.51
C THR B 203 -6.41 -10.22 -22.79
N SER B 204 -5.63 -9.44 -23.53
CA SER B 204 -6.05 -8.98 -24.88
C SER B 204 -6.36 -10.10 -25.90
N SER B 205 -5.78 -11.29 -25.74
CA SER B 205 -6.17 -12.46 -26.54
C SER B 205 -6.95 -13.52 -25.77
N GLY B 206 -7.79 -13.12 -24.80
CA GLY B 206 -8.69 -14.05 -24.08
C GLY B 206 -8.21 -14.44 -22.68
N GLU B 207 -9.05 -15.21 -21.98
CA GLU B 207 -8.75 -15.80 -20.66
C GLU B 207 -7.62 -16.76 -20.77
N LYS B 208 -6.56 -16.59 -20.02
CA LYS B 208 -5.47 -17.56 -20.02
C LYS B 208 -5.24 -18.06 -18.60
N PRO B 209 -4.74 -19.29 -18.47
CA PRO B 209 -4.34 -19.81 -17.18
C PRO B 209 -3.17 -19.01 -16.61
N VAL B 210 -3.19 -18.81 -15.29
CA VAL B 210 -2.15 -18.08 -14.60
C VAL B 210 -0.77 -18.65 -14.89
N ARG B 211 -0.64 -19.95 -14.87
CA ARG B 211 0.66 -20.59 -15.17
C ARG B 211 1.27 -20.19 -16.50
N GLU B 212 0.44 -20.05 -17.51
CA GLU B 212 0.89 -19.71 -18.86
C GLU B 212 1.40 -18.26 -18.92
N LEU B 213 0.77 -17.36 -18.19
CA LEU B 213 1.16 -15.96 -18.22
C LEU B 213 2.33 -15.65 -17.34
N VAL B 214 2.43 -16.33 -16.21
CA VAL B 214 3.49 -16.06 -15.27
C VAL B 214 4.81 -16.70 -15.77
N LYS B 215 4.73 -17.92 -16.31
CA LYS B 215 5.91 -18.66 -16.75
C LYS B 215 6.96 -18.71 -15.70
N ASP B 216 6.56 -19.07 -14.50
CA ASP B 216 7.50 -19.23 -13.40
C ASP B 216 6.81 -20.08 -12.36
N ASP B 217 6.83 -21.36 -12.69
CA ASP B 217 6.23 -22.35 -11.81
C ASP B 217 6.94 -22.41 -10.48
N ALA B 218 8.25 -22.10 -10.49
CA ALA B 218 9.02 -22.10 -9.26
C ALA B 218 8.44 -21.07 -8.28
N TRP B 219 8.11 -19.88 -8.79
CA TRP B 219 7.54 -18.85 -7.92
C TRP B 219 6.12 -19.31 -7.44
N LEU B 220 5.26 -19.71 -8.37
CA LEU B 220 3.88 -20.13 -8.03
C LEU B 220 3.85 -21.28 -7.01
N ASP B 221 4.82 -22.19 -7.11
CA ASP B 221 4.86 -23.38 -6.27
C ASP B 221 5.68 -23.19 -5.01
N GLY B 222 6.35 -22.06 -4.86
CA GLY B 222 7.21 -21.83 -3.69
C GLY B 222 6.84 -20.50 -3.06
N GLU B 223 7.49 -19.41 -3.49
CA GLU B 223 7.43 -18.13 -2.80
C GLU B 223 5.98 -17.54 -2.82
N PHE B 224 5.22 -17.76 -3.88
CA PHE B 224 3.81 -17.37 -3.92
C PHE B 224 3.02 -17.95 -2.75
N ILE B 225 3.18 -19.25 -2.55
CA ILE B 225 2.51 -19.97 -1.48
C ILE B 225 2.96 -19.46 -0.12
N SER B 226 4.27 -19.36 0.09
CA SER B 226 4.79 -18.83 1.36
CA SER B 226 4.82 -18.83 1.35
CA SER B 226 4.81 -18.83 1.35
C SER B 226 4.32 -17.41 1.63
N THR B 227 4.29 -16.57 0.58
CA THR B 227 3.79 -15.21 0.73
C THR B 227 2.31 -15.17 1.22
N VAL B 228 1.45 -15.96 0.59
CA VAL B 228 0.04 -16.01 1.02
C VAL B 228 -0.09 -16.61 2.41
N GLN B 229 0.65 -17.64 2.66
CA GLN B 229 0.65 -18.26 4.02
C GLN B 229 1.07 -17.35 5.14
N GLN B 230 2.00 -16.42 4.87
CA GLN B 230 2.58 -15.58 5.90
C GLN B 230 2.03 -14.16 5.84
N ARG B 231 1.05 -13.91 4.98
CA ARG B 231 0.61 -12.52 4.71
C ARG B 231 0.00 -11.84 5.93
N GLY B 232 -0.80 -12.56 6.75
CA GLY B 232 -1.30 -12.01 8.00
C GLY B 232 -0.18 -11.53 8.94
N ALA B 233 0.86 -12.34 9.06
CA ALA B 233 2.03 -11.96 9.88
C ALA B 233 2.72 -10.76 9.26
N ALA B 234 2.77 -10.70 7.92
CA ALA B 234 3.34 -9.52 7.24
C ALA B 234 2.58 -8.22 7.51
N ILE B 235 1.27 -8.28 7.58
CA ILE B 235 0.48 -7.11 7.93
C ILE B 235 0.79 -6.65 9.33
N ILE B 236 0.90 -7.59 10.27
CA ILE B 236 1.21 -7.26 11.65
C ILE B 236 2.59 -6.61 11.74
N LYS B 237 3.55 -7.11 10.99
CA LYS B 237 4.90 -6.54 10.96
C LYS B 237 4.86 -5.08 10.43
N ALA B 238 4.05 -4.80 9.42
CA ALA B 238 3.95 -3.48 8.82
C ALA B 238 3.19 -2.51 9.70
N ARG B 239 2.06 -2.96 10.28
CA ARG B 239 1.13 -2.07 10.95
C ARG B 239 1.14 -2.17 12.47
N LYS B 240 1.74 -3.22 13.02
CA LYS B 240 1.67 -3.52 14.45
C LYS B 240 0.26 -3.95 14.88
N LEU B 241 -0.59 -4.31 13.93
CA LEU B 241 -1.98 -4.72 14.20
C LEU B 241 -2.30 -5.67 13.09
N SER B 242 -3.16 -6.64 13.35
CA SER B 242 -3.63 -7.55 12.29
C SER B 242 -4.62 -6.82 11.37
N SER B 243 -4.92 -7.47 10.26
CA SER B 243 -5.69 -6.91 9.18
CA SER B 243 -5.69 -6.91 9.18
C SER B 243 -7.10 -6.52 9.64
N ALA B 244 -7.65 -5.49 9.02
CA ALA B 244 -8.99 -5.04 9.40
C ALA B 244 -9.73 -4.52 8.20
N LEU B 245 -9.19 -3.52 7.51
CA LEU B 245 -9.80 -3.02 6.30
C LEU B 245 -10.04 -4.19 5.30
N SER B 246 -9.00 -5.00 5.11
CA SER B 246 -9.08 -6.09 4.15
C SER B 246 -9.91 -7.30 4.65
N ALA B 247 -9.85 -7.55 5.96
CA ALA B 247 -10.69 -8.59 6.57
C ALA B 247 -12.20 -8.23 6.46
N ALA B 248 -12.53 -6.99 6.78
CA ALA B 248 -13.90 -6.49 6.65
C ALA B 248 -14.41 -6.57 5.23
N SER B 249 -13.60 -6.10 4.28
CA SER B 249 -13.99 -6.12 2.89
C SER B 249 -14.20 -7.57 2.42
N SER B 250 -13.31 -8.47 2.83
CA SER B 250 -13.43 -9.86 2.41
C SER B 250 -14.62 -10.55 3.07
N ALA B 251 -14.93 -10.20 4.33
CA ALA B 251 -16.18 -10.69 4.96
C ALA B 251 -17.44 -10.23 4.17
N CYS B 252 -17.45 -8.98 3.68
CA CYS B 252 -18.51 -8.51 2.81
C CYS B 252 -18.61 -9.37 1.55
N ASP B 253 -17.48 -9.62 0.93
CA ASP B 253 -17.43 -10.44 -0.30
C ASP B 253 -17.97 -11.85 -0.06
N HIS B 254 -17.58 -12.44 1.08
CA HIS B 254 -18.04 -13.79 1.46
C HIS B 254 -19.55 -13.84 1.58
N ILE B 255 -20.11 -12.96 2.38
CA ILE B 255 -21.57 -12.89 2.53
C ILE B 255 -22.27 -12.57 1.23
N ARG B 256 -21.78 -11.56 0.52
CA ARG B 256 -22.41 -11.11 -0.71
C ARG B 256 -22.49 -12.24 -1.75
N ASP B 257 -21.38 -12.91 -1.97
CA ASP B 257 -21.38 -14.00 -2.94
C ASP B 257 -22.28 -15.16 -2.47
N TRP B 258 -22.28 -15.43 -1.20
CA TRP B 258 -23.11 -16.46 -0.63
C TRP B 258 -24.60 -16.19 -0.82
N VAL B 259 -25.01 -14.97 -0.53
CA VAL B 259 -26.42 -14.59 -0.54
C VAL B 259 -26.88 -14.20 -1.94
N LEU B 260 -26.12 -13.38 -2.66
CA LEU B 260 -26.57 -12.93 -3.97
C LEU B 260 -26.12 -13.88 -5.06
N GLY B 261 -25.20 -14.81 -4.80
CA GLY B 261 -24.68 -15.70 -5.87
C GLY B 261 -23.30 -15.29 -6.34
N THR B 262 -22.47 -16.27 -6.67
CA THR B 262 -21.14 -16.01 -7.18
C THR B 262 -21.25 -15.47 -8.61
N PRO B 263 -20.34 -14.55 -9.01
CA PRO B 263 -20.34 -14.02 -10.36
C PRO B 263 -20.18 -15.14 -11.40
N GLU B 264 -20.74 -14.87 -12.58
CA GLU B 264 -20.66 -15.77 -13.74
C GLU B 264 -19.26 -16.27 -13.98
N GLY B 265 -19.05 -17.56 -14.08
CA GLY B 265 -17.74 -18.12 -14.38
C GLY B 265 -16.72 -18.21 -13.23
N THR B 266 -17.14 -17.88 -12.02
CA THR B 266 -16.26 -17.62 -10.91
C THR B 266 -16.59 -18.58 -9.81
N PHE B 267 -15.54 -19.06 -9.18
CA PHE B 267 -15.67 -19.69 -7.89
C PHE B 267 -14.81 -18.99 -6.86
N VAL B 268 -15.21 -19.17 -5.60
CA VAL B 268 -14.57 -18.49 -4.48
C VAL B 268 -14.31 -19.48 -3.37
N SER B 269 -13.48 -19.11 -2.41
CA SER B 269 -13.15 -20.02 -1.33
C SER B 269 -14.00 -19.67 -0.11
N MET B 270 -14.54 -20.70 0.53
CA MET B 270 -15.29 -20.55 1.78
C MET B 270 -14.90 -21.72 2.71
N GLY B 271 -14.71 -21.43 3.97
CA GLY B 271 -14.59 -22.51 4.96
C GLY B 271 -15.99 -22.99 5.30
N VAL B 272 -16.25 -24.25 5.01
CA VAL B 272 -17.61 -24.83 5.17
C VAL B 272 -17.49 -26.22 5.77
N TYR B 273 -18.66 -26.75 6.16
CA TYR B 273 -18.69 -28.04 6.86
C TYR B 273 -18.42 -29.18 5.87
N SER B 274 -17.30 -29.87 6.01
CA SER B 274 -16.92 -30.89 5.04
CA SER B 274 -16.91 -30.90 5.05
C SER B 274 -17.88 -32.07 5.07
N ASP B 275 -18.14 -32.62 3.91
CA ASP B 275 -19.00 -33.76 3.74
C ASP B 275 -18.25 -34.98 3.18
N GLY B 276 -16.92 -34.97 3.16
CA GLY B 276 -16.15 -36.07 2.57
C GLY B 276 -15.63 -35.76 1.18
N SER B 277 -16.07 -34.62 0.59
CA SER B 277 -15.53 -34.20 -0.71
C SER B 277 -14.00 -34.09 -0.68
N TYR B 278 -13.35 -34.49 -1.77
CA TYR B 278 -11.92 -34.43 -1.95
C TYR B 278 -11.14 -35.23 -0.92
N SER B 279 -11.77 -36.25 -0.36
CA SER B 279 -11.17 -37.10 0.68
C SER B 279 -10.65 -36.30 1.85
N VAL B 280 -11.30 -35.18 2.13
CA VAL B 280 -11.04 -34.44 3.33
C VAL B 280 -11.97 -35.06 4.36
N PRO B 281 -11.48 -35.33 5.59
CA PRO B 281 -12.40 -35.90 6.60
C PRO B 281 -13.68 -35.10 6.72
N SER B 282 -14.81 -35.78 6.89
CA SER B 282 -16.09 -35.14 7.03
C SER B 282 -16.19 -34.57 8.45
N GLY B 283 -17.01 -33.59 8.66
CA GLY B 283 -17.13 -32.98 9.99
C GLY B 283 -16.08 -31.94 10.40
N LEU B 284 -15.26 -31.44 9.46
CA LEU B 284 -14.37 -30.32 9.74
C LEU B 284 -14.90 -29.07 9.07
N ILE B 285 -14.50 -27.91 9.61
CA ILE B 285 -14.68 -26.66 8.85
C ILE B 285 -13.42 -26.51 8.05
N TYR B 286 -13.56 -26.59 6.72
CA TYR B 286 -12.45 -26.69 5.80
C TYR B 286 -12.76 -25.83 4.57
N SER B 287 -11.76 -25.10 4.08
CA SER B 287 -11.96 -24.23 2.94
C SER B 287 -11.92 -25.06 1.67
N PHE B 288 -12.93 -24.84 0.85
CA PHE B 288 -13.12 -25.43 -0.46
C PHE B 288 -13.41 -24.37 -1.52
N PRO B 289 -13.18 -24.67 -2.78
CA PRO B 289 -13.74 -23.86 -3.84
C PRO B 289 -15.20 -24.12 -3.97
N VAL B 290 -15.99 -23.04 -4.07
CA VAL B 290 -17.44 -23.17 -4.21
C VAL B 290 -18.02 -22.22 -5.18
N THR B 291 -19.21 -22.55 -5.68
CA THR B 291 -20.12 -21.58 -6.29
C THR B 291 -21.31 -21.41 -5.38
N CYS B 292 -22.01 -20.28 -5.49
CA CYS B 292 -23.16 -20.02 -4.66
C CYS B 292 -24.34 -19.60 -5.49
N ARG B 293 -25.50 -20.15 -5.15
CA ARG B 293 -26.76 -19.72 -5.75
C ARG B 293 -27.90 -20.03 -4.77
N ASN B 294 -28.97 -19.26 -4.83
CA ASN B 294 -30.13 -19.43 -3.94
C ASN B 294 -29.77 -19.41 -2.45
N GLY B 295 -28.75 -18.64 -2.07
CA GLY B 295 -28.29 -18.63 -0.68
C GLY B 295 -27.51 -19.84 -0.21
N ASP B 296 -27.10 -20.72 -1.10
CA ASP B 296 -26.37 -21.92 -0.72
CA ASP B 296 -26.39 -21.93 -0.73
C ASP B 296 -25.09 -22.11 -1.49
N TRP B 297 -24.06 -22.57 -0.80
CA TRP B 297 -22.79 -22.94 -1.41
C TRP B 297 -22.86 -24.34 -1.97
N SER B 298 -22.02 -24.57 -2.95
CA SER B 298 -21.87 -25.88 -3.55
C SER B 298 -20.41 -26.08 -3.96
N ILE B 299 -19.79 -27.14 -3.45
CA ILE B 299 -18.35 -27.36 -3.70
C ILE B 299 -18.13 -27.61 -5.19
N VAL B 300 -17.10 -27.03 -5.75
CA VAL B 300 -16.66 -27.32 -7.12
C VAL B 300 -16.00 -28.69 -7.14
N GLN B 301 -16.72 -29.67 -7.67
CA GLN B 301 -16.33 -31.07 -7.59
C GLN B 301 -15.53 -31.49 -8.77
N GLY B 302 -14.77 -32.58 -8.58
CA GLY B 302 -14.11 -33.29 -9.70
C GLY B 302 -12.81 -32.73 -10.17
N LEU B 303 -12.28 -31.68 -9.55
CA LEU B 303 -11.01 -31.09 -9.92
C LEU B 303 -9.90 -32.15 -9.76
N PRO B 304 -9.00 -32.27 -10.75
CA PRO B 304 -7.97 -33.29 -10.57
C PRO B 304 -6.97 -32.88 -9.51
N ILE B 305 -6.65 -33.81 -8.61
CA ILE B 305 -5.71 -33.55 -7.56
C ILE B 305 -4.41 -34.34 -7.78
N ASP B 306 -3.28 -33.63 -8.01
CA ASP B 306 -1.99 -34.29 -8.20
C ASP B 306 -1.38 -34.62 -6.82
N GLU B 307 -0.25 -35.34 -6.84
CA GLU B 307 0.36 -35.83 -5.61
C GLU B 307 0.76 -34.70 -4.63
N VAL B 308 1.37 -33.69 -5.17
CA VAL B 308 1.82 -32.53 -4.35
C VAL B 308 0.61 -31.80 -3.71
N SER B 309 -0.41 -31.56 -4.52
CA SER B 309 -1.69 -30.92 -4.02
C SER B 309 -2.35 -31.78 -2.93
N ARG B 310 -2.39 -33.09 -3.16
CA ARG B 310 -2.91 -34.02 -2.18
C ARG B 310 -2.23 -33.89 -0.86
N LYS B 311 -0.90 -33.91 -0.88
CA LYS B 311 -0.13 -33.87 0.35
C LYS B 311 -0.42 -32.54 1.10
N LYS B 312 -0.45 -31.42 0.36
CA LYS B 312 -0.79 -30.13 0.97
C LYS B 312 -2.22 -30.11 1.60
N MET B 313 -3.17 -30.71 0.91
CA MET B 313 -4.57 -30.75 1.38
C MET B 313 -4.71 -31.57 2.62
N ASP B 314 -3.92 -32.65 2.69
CA ASP B 314 -3.93 -33.53 3.87
C ASP B 314 -3.22 -32.90 5.01
N LEU B 315 -2.12 -32.20 4.77
CA LEU B 315 -1.34 -31.54 5.84
C LEU B 315 -2.22 -30.51 6.56
N THR B 316 -2.95 -29.72 5.79
CA THR B 316 -3.82 -28.74 6.40
C THR B 316 -5.03 -29.38 7.14
N ALA B 317 -5.58 -30.48 6.61
CA ALA B 317 -6.64 -31.24 7.30
C ALA B 317 -6.12 -31.73 8.66
N GLU B 318 -4.88 -32.17 8.70
CA GLU B 318 -4.27 -32.69 9.95
C GLU B 318 -4.08 -31.55 10.93
N GLU B 319 -3.68 -30.37 10.48
CA GLU B 319 -3.60 -29.22 11.41
C GLU B 319 -4.96 -28.91 12.00
N LEU B 320 -6.00 -29.02 11.19
CA LEU B 320 -7.32 -28.70 11.66
C LEU B 320 -7.75 -29.73 12.72
N LYS B 321 -7.38 -30.98 12.52
CA LYS B 321 -7.63 -32.05 13.55
C LYS B 321 -6.90 -31.72 14.84
N GLU B 322 -5.65 -31.28 14.75
CA GLU B 322 -4.85 -30.86 15.91
C GLU B 322 -5.51 -29.70 16.66
N GLU B 323 -5.96 -28.69 15.90
CA GLU B 323 -6.69 -27.59 16.50
C GLU B 323 -7.97 -28.05 17.19
N LYS B 324 -8.74 -28.87 16.52
CA LYS B 324 -9.92 -29.45 17.10
C LYS B 324 -9.65 -30.16 18.41
N ASP B 325 -8.57 -30.92 18.47
CA ASP B 325 -8.20 -31.65 19.70
C ASP B 325 -7.82 -30.67 20.76
N LEU B 326 -7.14 -29.59 20.40
CA LEU B 326 -6.76 -28.58 21.41
C LEU B 326 -8.01 -27.85 21.95
N ALA B 327 -8.92 -27.55 21.05
CA ALA B 327 -10.18 -26.88 21.45
C ALA B 327 -10.94 -27.76 22.43
N TYR B 328 -11.07 -29.04 22.04
CA TYR B 328 -11.76 -29.99 22.90
C TYR B 328 -11.12 -30.05 24.27
N SER B 329 -9.77 -30.06 24.30
CA SER B 329 -9.01 -30.12 25.50
C SER B 329 -9.29 -28.94 26.43
N CYS B 330 -9.41 -27.74 25.85
CA CYS B 330 -9.80 -26.55 26.61
C CYS B 330 -11.24 -26.54 27.13
N LEU B 331 -12.18 -27.27 26.52
CA LEU B 331 -13.58 -27.24 26.87
C LEU B 331 -14.06 -28.38 27.76
N SER B 332 -13.18 -29.28 28.19
CA SER B 332 -13.62 -30.60 28.72
CA SER B 332 -13.61 -30.58 28.80
C SER B 332 -12.94 -30.82 30.11
N ALA C 2 -15.23 -0.13 -19.95
CA ALA C 2 -15.04 0.43 -18.54
C ALA C 2 -14.66 1.90 -18.67
N LYS C 3 -15.13 2.78 -17.81
CA LYS C 3 -14.66 4.14 -17.89
C LYS C 3 -13.15 4.18 -17.61
N GLU C 4 -12.41 5.10 -18.23
CA GLU C 4 -11.00 5.50 -17.82
C GLU C 4 -10.94 5.87 -16.29
N PRO C 5 -9.83 5.63 -15.61
CA PRO C 5 -9.84 5.73 -14.16
C PRO C 5 -9.71 7.21 -13.67
N VAL C 6 -10.23 7.47 -12.48
CA VAL C 6 -9.97 8.75 -11.79
C VAL C 6 -8.87 8.53 -10.77
N ARG C 7 -7.92 9.46 -10.71
CA ARG C 7 -6.86 9.41 -9.75
C ARG C 7 -7.26 10.22 -8.51
N VAL C 8 -7.32 9.53 -7.39
CA VAL C 8 -7.75 10.14 -6.11
C VAL C 8 -6.63 10.13 -5.10
N LEU C 9 -6.25 11.28 -4.60
CA LEU C 9 -5.24 11.40 -3.56
C LEU C 9 -5.92 11.46 -2.20
N VAL C 10 -5.37 10.70 -1.25
CA VAL C 10 -5.70 10.84 0.15
C VAL C 10 -4.40 11.13 0.87
N THR C 11 -4.29 12.30 1.47
CA THR C 11 -3.16 12.59 2.34
C THR C 11 -3.53 12.21 3.76
N GLY C 12 -2.56 12.03 4.63
CA GLY C 12 -2.82 11.45 5.97
C GLY C 12 -3.29 10.01 5.92
N ALA C 13 -2.92 9.31 4.83
CA ALA C 13 -3.52 8.00 4.51
C ALA C 13 -3.24 6.90 5.52
N ALA C 14 -2.15 7.00 6.28
CA ALA C 14 -1.84 6.00 7.30
C ALA C 14 -2.54 6.23 8.61
N GLY C 15 -3.42 7.23 8.69
CA GLY C 15 -4.09 7.50 9.93
C GLY C 15 -5.47 6.90 10.03
N GLN C 16 -6.18 7.28 11.09
CA GLN C 16 -7.52 6.70 11.36
C GLN C 16 -8.51 6.99 10.24
N ILE C 17 -8.62 8.26 9.85
CA ILE C 17 -9.56 8.62 8.79
C ILE C 17 -9.15 8.02 7.46
N GLY C 18 -7.85 8.08 7.20
CA GLY C 18 -7.36 7.52 5.97
C GLY C 18 -7.68 6.04 5.79
N TYR C 19 -7.48 5.29 6.86
CA TYR C 19 -7.77 3.87 6.90
C TYR C 19 -9.24 3.55 6.71
N ALA C 20 -10.14 4.35 7.28
CA ALA C 20 -11.60 4.23 7.02
C ALA C 20 -12.03 4.63 5.64
N LEU C 21 -11.27 5.57 5.03
CA LEU C 21 -11.65 6.21 3.79
C LEU C 21 -11.18 5.47 2.54
N VAL C 22 -9.94 5.07 2.51
CA VAL C 22 -9.46 4.40 1.28
C VAL C 22 -10.26 3.19 0.80
N PRO C 23 -10.75 2.31 1.71
CA PRO C 23 -11.55 1.23 1.12
C PRO C 23 -12.90 1.69 0.59
N MET C 24 -13.43 2.76 1.15
CA MET C 24 -14.71 3.35 0.64
CA MET C 24 -14.68 3.37 0.66
C MET C 24 -14.49 3.88 -0.78
N ILE C 25 -13.36 4.53 -1.01
CA ILE C 25 -13.05 5.01 -2.37
C ILE C 25 -12.93 3.81 -3.32
N ALA C 26 -12.19 2.80 -2.89
CA ALA C 26 -11.94 1.61 -3.69
C ALA C 26 -13.21 0.86 -4.05
N ARG C 27 -14.21 0.98 -3.21
CA ARG C 27 -15.51 0.35 -3.43
C ARG C 27 -16.47 1.16 -4.23
N GLY C 28 -16.12 2.37 -4.64
CA GLY C 28 -16.97 3.16 -5.49
C GLY C 28 -17.91 4.10 -4.80
N ILE C 29 -17.75 4.22 -3.47
CA ILE C 29 -18.66 5.06 -2.68
CA ILE C 29 -18.65 5.05 -2.65
C ILE C 29 -18.42 6.53 -2.90
N MET C 30 -17.20 6.88 -3.32
CA MET C 30 -16.88 8.28 -3.56
C MET C 30 -17.31 8.72 -5.01
N LEU C 31 -17.06 7.93 -6.03
CA LEU C 31 -17.26 8.35 -7.41
C LEU C 31 -18.25 7.51 -8.23
N GLY C 32 -18.90 6.55 -7.60
CA GLY C 32 -19.93 5.69 -8.20
C GLY C 32 -19.44 4.31 -8.50
N ALA C 33 -20.38 3.39 -8.57
CA ALA C 33 -20.09 1.94 -8.74
C ALA C 33 -19.49 1.53 -10.04
N ASP C 34 -19.59 2.38 -11.06
CA ASP C 34 -19.08 2.10 -12.37
C ASP C 34 -17.78 2.87 -12.68
N GLN C 35 -17.12 3.49 -11.66
CA GLN C 35 -16.01 4.36 -11.93
C GLN C 35 -14.72 3.82 -11.33
N PRO C 36 -13.84 3.25 -12.15
CA PRO C 36 -12.57 2.78 -11.62
C PRO C 36 -11.71 3.92 -11.04
N VAL C 37 -10.87 3.56 -10.08
CA VAL C 37 -10.06 4.53 -9.39
C VAL C 37 -8.63 4.07 -9.29
N ILE C 38 -7.73 5.05 -9.27
CA ILE C 38 -6.36 4.87 -8.87
C ILE C 38 -6.21 5.68 -7.58
N LEU C 39 -5.68 5.06 -6.53
CA LEU C 39 -5.42 5.75 -5.26
C LEU C 39 -3.99 6.19 -5.24
N HIS C 40 -3.77 7.42 -4.76
CA HIS C 40 -2.48 7.88 -4.31
C HIS C 40 -2.65 8.18 -2.82
N MET C 41 -1.75 7.63 -2.01
CA MET C 41 -1.82 7.76 -0.59
C MET C 41 -0.54 8.45 -0.18
N LEU C 42 -0.65 9.55 0.52
CA LEU C 42 0.48 10.32 1.00
C LEU C 42 0.48 10.38 2.53
N ASP C 43 1.60 10.11 3.16
CA ASP C 43 1.79 10.32 4.60
C ASP C 43 3.22 10.78 4.80
N ILE C 44 3.76 10.69 5.99
CA ILE C 44 5.07 11.26 6.27
C ILE C 44 6.04 10.14 6.68
N PRO C 45 7.36 10.39 6.59
CA PRO C 45 8.33 9.28 6.80
C PRO C 45 8.22 8.44 8.09
N PRO C 46 7.89 9.01 9.24
CA PRO C 46 7.69 8.15 10.41
C PRO C 46 6.58 7.11 10.23
N ALA C 47 5.61 7.32 9.32
CA ALA C 47 4.55 6.36 9.06
C ALA C 47 4.77 5.49 7.79
N ALA C 48 5.99 5.41 7.32
CA ALA C 48 6.24 4.75 6.01
C ALA C 48 5.86 3.27 6.05
N GLU C 49 6.22 2.57 7.12
CA GLU C 49 5.88 1.16 7.27
C GLU C 49 4.37 0.98 7.34
N ALA C 50 3.70 1.76 8.17
CA ALA C 50 2.24 1.68 8.32
C ALA C 50 1.57 1.98 6.98
N LEU C 51 2.07 2.95 6.25
CA LEU C 51 1.51 3.31 4.98
C LEU C 51 1.58 2.17 3.97
N ASN C 52 2.76 1.54 3.91
CA ASN C 52 2.92 0.36 3.04
C ASN C 52 1.94 -0.73 3.50
N GLY C 53 1.73 -0.84 4.80
CA GLY C 53 0.71 -1.73 5.35
C GLY C 53 -0.70 -1.55 4.87
N VAL C 54 -1.08 -0.30 4.80
CA VAL C 54 -2.37 0.06 4.22
C VAL C 54 -2.45 -0.36 2.76
N LYS C 55 -1.40 -0.09 1.98
CA LYS C 55 -1.36 -0.49 0.56
C LYS C 55 -1.50 -2.03 0.49
N MET C 56 -0.75 -2.75 1.33
CA MET C 56 -0.82 -4.23 1.34
C MET C 56 -2.26 -4.67 1.56
N GLU C 57 -2.95 -4.03 2.50
CA GLU C 57 -4.33 -4.40 2.74
C GLU C 57 -5.26 -4.09 1.56
N LEU C 58 -5.01 -2.96 0.88
CA LEU C 58 -5.83 -2.60 -0.27
C LEU C 58 -5.66 -3.63 -1.37
N ILE C 59 -4.42 -4.06 -1.59
CA ILE C 59 -4.14 -5.13 -2.55
C ILE C 59 -4.84 -6.43 -2.12
N ASP C 60 -4.74 -6.74 -0.83
CA ASP C 60 -5.31 -7.96 -0.27
C ASP C 60 -6.83 -8.05 -0.35
N ALA C 61 -7.51 -6.92 -0.47
CA ALA C 61 -8.97 -6.89 -0.61
C ALA C 61 -9.49 -7.19 -2.02
N ALA C 62 -8.59 -7.19 -3.01
CA ALA C 62 -8.94 -7.52 -4.41
C ALA C 62 -10.18 -6.71 -4.88
N PHE C 63 -10.05 -5.38 -4.72
CA PHE C 63 -11.09 -4.47 -5.10
C PHE C 63 -11.19 -4.32 -6.63
N PRO C 64 -12.32 -4.73 -7.23
CA PRO C 64 -12.33 -4.72 -8.70
C PRO C 64 -12.29 -3.31 -9.37
N LEU C 65 -12.72 -2.28 -8.66
CA LEU C 65 -12.64 -0.95 -9.21
C LEU C 65 -11.24 -0.35 -9.10
N LEU C 66 -10.35 -0.95 -8.31
CA LEU C 66 -9.06 -0.31 -8.02
C LEU C 66 -8.03 -0.71 -9.07
N LYS C 67 -7.43 0.29 -9.74
CA LYS C 67 -6.50 0.06 -10.83
C LYS C 67 -5.08 0.46 -10.53
N GLY C 68 -4.79 0.82 -9.32
CA GLY C 68 -3.43 1.19 -8.94
C GLY C 68 -3.46 1.78 -7.56
N VAL C 69 -2.36 1.60 -6.82
CA VAL C 69 -2.16 2.26 -5.56
C VAL C 69 -0.72 2.76 -5.49
N VAL C 70 -0.57 4.06 -5.34
CA VAL C 70 0.72 4.70 -5.08
C VAL C 70 0.70 5.00 -3.60
N ALA C 71 1.69 4.54 -2.85
CA ALA C 71 1.76 4.83 -1.41
C ALA C 71 3.11 5.42 -1.14
N THR C 72 3.13 6.69 -0.71
CA THR C 72 4.38 7.44 -0.71
C THR C 72 4.44 8.47 0.41
N THR C 73 5.66 8.89 0.71
CA THR C 73 5.91 10.09 1.55
C THR C 73 6.44 11.30 0.77
N ASP C 74 6.42 11.20 -0.55
CA ASP C 74 6.90 12.25 -1.45
C ASP C 74 5.66 12.97 -1.99
N ALA C 75 5.47 14.21 -1.56
CA ALA C 75 4.29 15.01 -1.95
C ALA C 75 4.20 15.23 -3.45
N VAL C 76 5.34 15.41 -4.12
CA VAL C 76 5.32 15.55 -5.57
C VAL C 76 4.70 14.31 -6.24
N GLU C 77 5.24 13.14 -5.91
CA GLU C 77 4.73 11.90 -6.42
C GLU C 77 3.22 11.75 -6.09
N GLY C 78 2.88 11.99 -4.84
CA GLY C 78 1.51 11.85 -4.40
C GLY C 78 0.53 12.71 -5.18
N CYS C 79 0.93 13.94 -5.45
CA CYS C 79 0.02 14.93 -6.12
C CYS C 79 -0.03 14.85 -7.63
N THR C 80 0.93 14.14 -8.25
CA THR C 80 1.00 14.08 -9.68
C THR C 80 -0.19 13.47 -10.36
N GLY C 81 -0.84 14.26 -11.25
CA GLY C 81 -1.94 13.78 -12.06
C GLY C 81 -3.26 13.61 -11.31
N VAL C 82 -3.37 14.03 -10.04
CA VAL C 82 -4.59 13.66 -9.33
C VAL C 82 -5.78 14.57 -9.74
N ASN C 83 -6.94 13.94 -9.75
CA ASN C 83 -8.22 14.60 -10.13
C ASN C 83 -9.05 14.99 -8.94
N VAL C 84 -8.86 14.28 -7.84
CA VAL C 84 -9.52 14.55 -6.57
C VAL C 84 -8.45 14.46 -5.51
N ALA C 85 -8.40 15.41 -4.60
CA ALA C 85 -7.48 15.37 -3.50
C ALA C 85 -8.23 15.57 -2.20
N VAL C 86 -8.23 14.53 -1.34
CA VAL C 86 -8.81 14.55 -0.04
C VAL C 86 -7.70 14.66 0.98
N MET C 87 -7.63 15.82 1.63
CA MET C 87 -6.48 16.17 2.46
CA MET C 87 -6.47 16.17 2.44
C MET C 87 -6.76 15.94 3.92
N VAL C 88 -6.30 14.82 4.44
CA VAL C 88 -6.50 14.43 5.83
C VAL C 88 -5.20 14.52 6.64
N GLY C 89 -4.09 14.83 5.98
CA GLY C 89 -2.80 14.94 6.64
C GLY C 89 -2.77 16.04 7.70
N GLY C 90 -2.32 15.61 8.86
CA GLY C 90 -2.24 16.52 10.01
C GLY C 90 -2.40 15.77 11.32
N PHE C 91 -2.28 16.49 12.38
CA PHE C 91 -2.39 15.89 13.71
C PHE C 91 -3.83 16.07 14.33
N PRO C 92 -4.30 15.03 15.03
CA PRO C 92 -5.58 15.06 15.67
C PRO C 92 -5.50 15.89 17.00
N ARG C 93 -6.61 16.40 17.46
CA ARG C 93 -6.69 17.03 18.77
C ARG C 93 -6.82 15.95 19.80
N LYS C 94 -6.48 16.29 21.05
CA LYS C 94 -6.70 15.39 22.21
C LYS C 94 -8.01 15.72 22.87
N GLU C 95 -8.58 14.79 23.63
CA GLU C 95 -9.71 15.05 24.52
C GLU C 95 -9.47 16.33 25.34
N GLY C 96 -10.45 17.22 25.35
CA GLY C 96 -10.31 18.50 25.98
C GLY C 96 -9.95 19.66 25.09
N MET C 97 -9.38 19.40 23.91
CA MET C 97 -8.87 20.46 23.06
C MET C 97 -10.02 20.85 22.08
N GLU C 98 -9.88 22.01 21.48
CA GLU C 98 -10.75 22.50 20.42
C GLU C 98 -10.20 22.11 19.05
N ARG C 99 -11.04 22.14 18.02
CA ARG C 99 -10.58 21.86 16.63
C ARG C 99 -9.44 22.78 16.15
N LYS C 100 -9.47 24.02 16.60
CA LYS C 100 -8.45 25.03 16.34
C LYS C 100 -7.10 24.65 16.99
N ASP C 101 -7.05 23.80 18.01
CA ASP C 101 -5.83 23.60 18.76
C ASP C 101 -4.73 22.81 18.08
N VAL C 102 -5.05 22.29 16.89
CA VAL C 102 -4.02 21.70 16.06
C VAL C 102 -3.57 22.63 14.99
N MET C 103 -4.02 23.87 14.94
CA MET C 103 -3.56 24.83 13.93
C MET C 103 -2.08 24.91 13.83
N SER C 104 -1.36 25.05 14.99
CA SER C 104 0.08 25.30 14.87
C SER C 104 0.82 24.10 14.25
N LYS C 105 0.41 22.86 14.48
CA LYS C 105 1.06 21.72 13.76
C LYS C 105 0.61 21.57 12.29
N ASN C 106 -0.65 21.87 11.99
CA ASN C 106 -1.30 21.61 10.70
C ASN C 106 -1.19 22.66 9.65
N VAL C 107 -1.24 23.97 9.97
CA VAL C 107 -1.32 24.95 8.85
C VAL C 107 -0.07 24.95 7.96
N SER C 108 1.11 24.64 8.53
CA SER C 108 2.33 24.56 7.73
CA SER C 108 2.34 24.59 7.71
C SER C 108 2.26 23.48 6.67
N ILE C 109 1.51 22.42 6.94
CA ILE C 109 1.27 21.35 5.96
C ILE C 109 0.61 21.93 4.71
N TYR C 110 -0.42 22.73 4.94
CA TYR C 110 -1.25 23.27 3.89
C TYR C 110 -0.53 24.35 3.08
N LYS C 111 0.29 25.13 3.76
CA LYS C 111 1.13 26.10 3.01
C LYS C 111 2.06 25.32 2.06
N SER C 112 2.70 24.30 2.59
CA SER C 112 3.66 23.54 1.80
C SER C 112 3.03 22.73 0.67
N GLN C 113 1.98 21.97 0.96
CA GLN C 113 1.37 21.13 -0.08
C GLN C 113 0.53 21.87 -1.07
N ALA C 114 0.21 23.16 -0.82
CA ALA C 114 -0.42 24.02 -1.87
C ALA C 114 0.43 24.03 -3.15
N ALA C 115 1.74 24.17 -2.98
CA ALA C 115 2.66 24.29 -4.09
C ALA C 115 2.74 22.95 -4.89
N ALA C 116 2.82 21.85 -4.16
CA ALA C 116 2.82 20.53 -4.75
C ALA C 116 1.58 20.27 -5.56
N LEU C 117 0.43 20.62 -5.02
CA LEU C 117 -0.85 20.43 -5.75
C LEU C 117 -0.92 21.35 -6.96
N GLU C 118 -0.60 22.60 -6.75
CA GLU C 118 -0.70 23.62 -7.80
C GLU C 118 0.18 23.19 -9.00
N LYS C 119 1.37 22.70 -8.71
CA LYS C 119 2.34 22.35 -9.75
C LYS C 119 2.12 21.00 -10.37
N HIS C 120 1.53 20.03 -9.67
CA HIS C 120 1.47 18.66 -10.17
C HIS C 120 0.11 18.04 -10.34
N ALA C 121 -0.91 18.52 -9.65
CA ALA C 121 -2.25 17.90 -9.78
C ALA C 121 -2.78 18.15 -11.16
N ALA C 122 -3.75 17.37 -11.56
CA ALA C 122 -4.34 17.60 -12.87
C ALA C 122 -5.10 18.94 -12.84
N PRO C 123 -5.20 19.61 -14.01
CA PRO C 123 -6.07 20.78 -14.13
C PRO C 123 -7.48 20.39 -13.72
N ASN C 124 -8.12 21.27 -12.97
CA ASN C 124 -9.52 21.02 -12.53
CA ASN C 124 -9.51 21.02 -12.57
C ASN C 124 -9.62 19.96 -11.42
N CYS C 125 -8.48 19.64 -10.77
CA CYS C 125 -8.49 18.78 -9.60
C CYS C 125 -9.41 19.41 -8.51
N LYS C 126 -10.31 18.59 -7.98
CA LYS C 126 -11.20 19.01 -6.90
CA LYS C 126 -11.21 18.99 -6.91
C LYS C 126 -10.56 18.67 -5.57
N VAL C 127 -10.45 19.68 -4.71
CA VAL C 127 -9.73 19.56 -3.45
C VAL C 127 -10.70 19.63 -2.27
N LEU C 128 -10.61 18.67 -1.34
CA LEU C 128 -11.38 18.68 -0.10
C LEU C 128 -10.46 18.56 1.07
N VAL C 129 -10.44 19.56 1.93
CA VAL C 129 -9.60 19.59 3.13
C VAL C 129 -10.43 19.06 4.32
N VAL C 130 -9.95 17.96 4.92
CA VAL C 130 -10.60 17.35 6.08
C VAL C 130 -9.84 17.76 7.35
N ALA C 131 -8.50 17.75 7.31
CA ALA C 131 -7.70 17.98 8.49
C ALA C 131 -8.10 19.29 9.19
N ASN C 132 -8.05 19.28 10.53
CA ASN C 132 -8.45 20.43 11.31
C ASN C 132 -7.28 21.40 11.51
N PRO C 133 -7.59 22.68 11.66
CA PRO C 133 -8.94 23.30 11.49
C PRO C 133 -9.29 23.38 10.00
N ALA C 134 -10.40 22.73 9.63
CA ALA C 134 -10.67 22.45 8.25
C ALA C 134 -10.77 23.68 7.35
N ASN C 135 -11.59 24.67 7.77
CA ASN C 135 -11.80 25.83 6.91
C ASN C 135 -10.50 26.63 6.74
N THR C 136 -9.78 26.79 7.84
CA THR C 136 -8.58 27.61 7.82
C THR C 136 -7.44 26.94 7.03
N ASN C 137 -7.28 25.63 7.22
CA ASN C 137 -6.33 24.86 6.40
C ASN C 137 -6.65 25.05 4.93
N ALA C 138 -7.92 24.97 4.57
CA ALA C 138 -8.31 25.14 3.17
C ALA C 138 -8.02 26.56 2.65
N LEU C 139 -8.24 27.55 3.52
CA LEU C 139 -8.00 28.92 3.13
C LEU C 139 -6.53 29.21 2.87
N ILE C 140 -5.70 28.68 3.75
CA ILE C 140 -4.22 28.75 3.60
C ILE C 140 -3.79 28.04 2.31
N LEU C 141 -4.35 26.86 2.04
CA LEU C 141 -4.06 26.18 0.79
CA LEU C 141 -4.06 26.18 0.77
C LEU C 141 -4.41 27.08 -0.40
N LYS C 142 -5.62 27.64 -0.37
CA LYS C 142 -6.05 28.47 -1.49
C LYS C 142 -5.06 29.64 -1.69
N GLU C 143 -4.68 30.27 -0.60
CA GLU C 143 -3.84 31.49 -0.66
C GLU C 143 -2.43 31.19 -1.14
N PHE C 144 -1.93 30.01 -0.81
CA PHE C 144 -0.64 29.59 -1.31
C PHE C 144 -0.67 28.88 -2.66
N ALA C 145 -1.85 28.65 -3.22
CA ALA C 145 -1.99 28.05 -4.57
C ALA C 145 -2.89 28.93 -5.39
N PRO C 146 -2.45 30.14 -5.68
CA PRO C 146 -3.31 31.09 -6.41
C PRO C 146 -3.70 30.65 -7.81
N SER C 147 -2.96 29.72 -8.43
CA SER C 147 -3.36 29.23 -9.76
C SER C 147 -4.47 28.18 -9.72
N ILE C 148 -4.79 27.61 -8.57
CA ILE C 148 -5.92 26.66 -8.52
C ILE C 148 -7.20 27.46 -8.57
N PRO C 149 -8.10 27.14 -9.49
CA PRO C 149 -9.37 27.85 -9.52
C PRO C 149 -10.04 27.84 -8.13
N GLU C 150 -10.50 29.03 -7.70
CA GLU C 150 -10.98 29.20 -6.36
C GLU C 150 -12.19 28.27 -6.05
N LYS C 151 -12.98 27.96 -7.06
CA LYS C 151 -14.16 27.08 -6.87
C LYS C 151 -13.78 25.61 -6.68
N ASN C 152 -12.48 25.28 -6.80
CA ASN C 152 -12.01 23.93 -6.68
C ASN C 152 -11.48 23.59 -5.32
N ILE C 153 -11.54 24.49 -4.37
CA ILE C 153 -11.03 24.24 -3.06
C ILE C 153 -12.19 24.28 -2.05
N SER C 154 -12.29 23.23 -1.24
CA SER C 154 -13.39 23.11 -0.29
C SER C 154 -12.93 22.48 0.99
N CYS C 155 -13.73 22.57 2.04
CA CYS C 155 -13.44 21.86 3.26
C CYS C 155 -14.68 21.12 3.74
N LEU C 156 -14.45 20.21 4.65
CA LEU C 156 -15.52 19.26 5.06
C LEU C 156 -16.32 19.81 6.25
N THR C 157 -17.54 20.22 5.95
CA THR C 157 -18.58 20.41 6.93
C THR C 157 -19.68 19.35 6.72
N ARG C 158 -19.48 18.40 5.81
CA ARG C 158 -20.49 17.40 5.52
C ARG C 158 -20.75 16.45 6.69
N LEU C 159 -19.71 16.25 7.53
CA LEU C 159 -19.93 15.48 8.74
C LEU C 159 -20.85 16.22 9.71
N ASP C 160 -20.62 17.49 9.91
CA ASP C 160 -21.57 18.30 10.72
C ASP C 160 -23.01 18.17 10.18
N HIS C 161 -23.13 18.25 8.84
CA HIS C 161 -24.41 18.21 8.16
C HIS C 161 -25.10 16.87 8.40
N ASN C 162 -24.35 15.78 8.17
CA ASN C 162 -24.85 14.44 8.40
C ASN C 162 -25.19 14.19 9.90
N ARG C 163 -24.40 14.75 10.83
CA ARG C 163 -24.66 14.66 12.23
C ARG C 163 -26.05 15.28 12.53
N ALA C 164 -26.31 16.41 11.87
CA ALA C 164 -27.58 17.13 12.06
C ALA C 164 -28.75 16.30 11.52
N LEU C 165 -28.59 15.74 10.33
CA LEU C 165 -29.56 14.87 9.78
C LEU C 165 -29.83 13.66 10.73
N GLY C 166 -28.77 13.07 11.27
CA GLY C 166 -28.91 11.98 12.23
C GLY C 166 -29.68 12.33 13.49
N GLN C 167 -29.38 13.50 14.05
CA GLN C 167 -30.15 14.00 15.20
C GLN C 167 -31.66 14.14 14.94
N ILE C 168 -32.01 14.64 13.77
CA ILE C 168 -33.41 14.78 13.41
C ILE C 168 -34.04 13.41 13.21
N SER C 169 -33.34 12.54 12.51
CA SER C 169 -33.83 11.17 12.30
C SER C 169 -34.11 10.48 13.63
N GLU C 170 -33.16 10.57 14.57
CA GLU C 170 -33.33 9.94 15.90
C GLU C 170 -34.48 10.57 16.73
N ARG C 171 -34.53 11.87 16.73
CA ARG C 171 -35.54 12.61 17.47
C ARG C 171 -36.93 12.24 17.02
N LEU C 172 -37.13 12.12 15.71
CA LEU C 172 -38.42 11.78 15.12
C LEU C 172 -38.67 10.33 14.93
N SER C 173 -37.66 9.50 15.13
CA SER C 173 -37.74 8.08 14.78
C SER C 173 -38.25 7.85 13.37
N VAL C 174 -37.62 8.53 12.42
CA VAL C 174 -37.80 8.26 10.99
C VAL C 174 -36.44 7.85 10.37
N PRO C 175 -36.49 7.12 9.24
CA PRO C 175 -35.22 6.78 8.60
C PRO C 175 -34.52 8.03 8.11
N VAL C 176 -33.20 8.04 8.22
CA VAL C 176 -32.46 9.27 7.85
C VAL C 176 -32.56 9.57 6.34
N SER C 177 -32.85 8.55 5.53
CA SER C 177 -33.09 8.76 4.12
C SER C 177 -34.24 9.74 3.84
N ASP C 178 -35.16 9.87 4.76
CA ASP C 178 -36.29 10.81 4.60
C ASP C 178 -36.02 12.26 5.04
N VAL C 179 -34.83 12.56 5.55
CA VAL C 179 -34.52 13.87 6.15
C VAL C 179 -33.54 14.55 5.18
N LYS C 180 -33.78 15.81 4.87
CA LYS C 180 -32.85 16.59 4.03
C LYS C 180 -32.87 18.05 4.36
N ASN C 181 -31.84 18.74 3.85
CA ASN C 181 -31.86 20.19 3.75
C ASN C 181 -31.68 20.93 5.07
N VAL C 182 -31.01 20.27 6.02
CA VAL C 182 -30.35 21.02 7.04
C VAL C 182 -29.22 21.83 6.38
N ILE C 183 -28.73 22.81 7.10
CA ILE C 183 -27.63 23.65 6.66
C ILE C 183 -26.65 23.86 7.76
N ILE C 184 -25.36 23.69 7.48
CA ILE C 184 -24.33 24.05 8.37
C ILE C 184 -23.69 25.32 7.83
N TRP C 185 -23.88 26.44 8.52
CA TRP C 185 -23.25 27.68 8.05
C TRP C 185 -21.96 27.95 8.79
N GLY C 186 -20.91 28.37 8.04
CA GLY C 186 -19.71 28.93 8.57
C GLY C 186 -18.57 27.93 8.86
N ASN C 187 -18.04 27.99 10.08
CA ASN C 187 -16.80 27.30 10.45
C ASN C 187 -17.07 25.87 10.98
N HIS C 188 -16.19 24.92 10.66
CA HIS C 188 -16.23 23.61 11.27
C HIS C 188 -15.66 23.73 12.71
N SER C 189 -16.50 24.25 13.61
CA SER C 189 -16.10 24.62 14.97
C SER C 189 -17.36 24.87 15.79
N SER C 190 -17.19 25.23 17.04
CA SER C 190 -18.33 25.52 17.88
CA SER C 190 -18.31 25.55 17.94
C SER C 190 -19.08 26.78 17.51
N SER C 191 -18.57 27.56 16.57
CA SER C 191 -19.30 28.71 16.01
C SER C 191 -20.20 28.40 14.83
N GLN C 192 -20.16 27.17 14.35
CA GLN C 192 -21.07 26.72 13.29
C GLN C 192 -22.52 26.93 13.66
N TYR C 193 -23.33 27.21 12.67
CA TYR C 193 -24.77 27.33 12.85
C TYR C 193 -25.43 26.14 12.13
N PRO C 194 -25.86 25.14 12.89
CA PRO C 194 -26.69 24.06 12.35
C PRO C 194 -28.16 24.48 12.29
N ASP C 195 -28.61 24.72 11.09
CA ASP C 195 -29.84 25.45 10.79
C ASP C 195 -30.82 24.47 10.26
N VAL C 196 -31.99 24.38 10.89
CA VAL C 196 -33.04 23.50 10.45
C VAL C 196 -34.24 24.28 9.91
N ASN C 197 -34.09 25.58 9.74
CA ASN C 197 -35.21 26.45 9.33
C ASN C 197 -35.67 26.10 7.93
N HIS C 198 -34.83 25.43 7.12
CA HIS C 198 -35.16 25.14 5.73
C HIS C 198 -35.20 23.62 5.45
N ALA C 199 -35.16 22.82 6.51
CA ALA C 199 -35.07 21.35 6.40
C ALA C 199 -36.43 20.71 6.33
N LYS C 200 -36.48 19.54 5.68
CA LYS C 200 -37.72 18.80 5.46
C LYS C 200 -37.60 17.33 5.81
N VAL C 201 -38.73 16.73 6.09
CA VAL C 201 -38.85 15.30 6.28
C VAL C 201 -39.96 14.80 5.38
N GLN C 202 -39.66 13.74 4.61
CA GLN C 202 -40.67 13.07 3.80
C GLN C 202 -41.57 12.26 4.74
N THR C 203 -42.88 12.46 4.65
CA THR C 203 -43.87 11.67 5.41
C THR C 203 -44.86 11.07 4.45
N SER C 204 -45.70 10.18 4.95
CA SER C 204 -46.79 9.58 4.15
C SER C 204 -47.79 10.62 3.60
N SER C 205 -47.93 11.79 4.23
CA SER C 205 -48.72 12.89 3.67
C SER C 205 -47.86 14.06 3.13
N GLY C 206 -46.68 13.77 2.59
CA GLY C 206 -45.83 14.77 1.91
C GLY C 206 -44.66 15.28 2.78
N GLU C 207 -43.85 16.13 2.17
CA GLU C 207 -42.71 16.82 2.79
C GLU C 207 -43.19 17.75 3.85
N LYS C 208 -42.69 17.65 5.05
CA LYS C 208 -43.02 18.62 6.07
C LYS C 208 -41.74 19.27 6.60
N PRO C 209 -41.83 20.51 7.05
CA PRO C 209 -40.72 21.15 7.68
C PRO C 209 -40.38 20.52 9.02
N VAL C 210 -39.09 20.45 9.29
CA VAL C 210 -38.59 19.84 10.51
C VAL C 210 -39.20 20.47 11.75
N ARG C 211 -39.31 21.79 11.80
CA ARG C 211 -39.82 22.41 13.04
C ARG C 211 -41.24 21.98 13.36
N GLU C 212 -42.05 21.73 12.34
CA GLU C 212 -43.43 21.35 12.53
C GLU C 212 -43.54 19.94 13.10
N LEU C 213 -42.65 19.04 12.70
CA LEU C 213 -42.67 17.64 13.20
C LEU C 213 -42.04 17.52 14.56
N VAL C 214 -41.00 18.28 14.84
CA VAL C 214 -40.30 18.17 16.12
C VAL C 214 -41.09 18.84 17.27
N LYS C 215 -41.71 19.98 17.00
CA LYS C 215 -42.50 20.69 17.98
C LYS C 215 -41.75 20.93 19.25
N ASP C 216 -40.52 21.40 19.14
CA ASP C 216 -39.74 21.75 20.31
C ASP C 216 -38.63 22.67 19.85
N ASP C 217 -39.01 23.91 19.66
CA ASP C 217 -38.06 24.92 19.23
C ASP C 217 -36.97 25.14 20.22
N ALA C 218 -37.28 24.97 21.51
CA ALA C 218 -36.27 25.12 22.53
C ALA C 218 -35.13 24.09 22.31
N TRP C 219 -35.51 22.85 22.00
CA TRP C 219 -34.50 21.81 21.74
C TRP C 219 -33.69 22.18 20.46
N LEU C 220 -34.38 22.45 19.35
CA LEU C 220 -33.71 22.80 18.06
C LEU C 220 -32.78 24.00 18.18
N ASP C 221 -33.14 24.97 19.03
CA ASP C 221 -32.38 26.20 19.16
C ASP C 221 -31.33 26.14 20.24
N GLY C 222 -31.30 25.07 21.04
CA GLY C 222 -30.38 24.98 22.15
C GLY C 222 -29.62 23.66 22.06
N GLU C 223 -30.16 22.61 22.69
CA GLU C 223 -29.40 21.35 22.86
C GLU C 223 -29.07 20.66 21.54
N PHE C 224 -29.97 20.73 20.57
CA PHE C 224 -29.69 20.17 19.19
C PHE C 224 -28.41 20.80 18.62
N ILE C 225 -28.29 22.13 18.74
CA ILE C 225 -27.14 22.84 18.23
C ILE C 225 -25.88 22.45 18.97
N SER C 226 -25.93 22.49 20.30
CA SER C 226 -24.79 22.10 21.13
CA SER C 226 -24.71 22.16 21.03
C SER C 226 -24.37 20.66 20.83
N THR C 227 -25.35 19.76 20.69
CA THR C 227 -25.07 18.37 20.37
C THR C 227 -24.27 18.21 19.04
N VAL C 228 -24.73 18.89 18.00
CA VAL C 228 -24.03 18.84 16.70
C VAL C 228 -22.64 19.45 16.82
N GLN C 229 -22.57 20.60 17.46
CA GLN C 229 -21.29 21.28 17.64
C GLN C 229 -20.23 20.46 18.39
N GLN C 230 -20.67 19.68 19.39
CA GLN C 230 -19.77 18.99 20.30
C GLN C 230 -19.68 17.51 20.01
N ARG C 231 -20.26 17.09 18.89
CA ARG C 231 -20.36 15.66 18.60
C ARG C 231 -19.00 14.98 18.43
N GLY C 232 -18.05 15.66 17.78
CA GLY C 232 -16.72 15.11 17.64
C GLY C 232 -16.03 14.92 18.98
N ALA C 233 -16.18 15.90 19.91
CA ALA C 233 -15.62 15.74 21.25
C ALA C 233 -16.29 14.55 21.95
N ALA C 234 -17.59 14.35 21.74
CA ALA C 234 -18.28 13.18 22.31
C ALA C 234 -17.71 11.83 21.81
N ILE C 235 -17.40 11.79 20.53
CA ILE C 235 -16.85 10.56 19.96
C ILE C 235 -15.48 10.32 20.52
N ILE C 236 -14.66 11.38 20.60
CA ILE C 236 -13.30 11.28 21.12
C ILE C 236 -13.34 10.75 22.56
N LYS C 237 -14.30 11.22 23.36
CA LYS C 237 -14.45 10.71 24.73
C LYS C 237 -14.79 9.24 24.77
N ALA C 238 -15.67 8.80 23.89
CA ALA C 238 -16.12 7.39 23.86
C ALA C 238 -15.07 6.46 23.28
N ARG C 239 -14.35 6.89 22.24
CA ARG C 239 -13.46 6.01 21.46
C ARG C 239 -11.99 6.28 21.73
N LYS C 240 -11.63 7.43 22.29
CA LYS C 240 -10.22 7.82 22.44
C LYS C 240 -9.53 8.10 21.11
N LEU C 241 -10.31 8.24 20.02
CA LEU C 241 -9.80 8.44 18.67
C LEU C 241 -10.85 9.28 17.95
N SER C 242 -10.50 9.82 16.75
CA SER C 242 -11.40 10.65 15.98
C SER C 242 -12.64 9.93 15.45
N SER C 243 -13.63 10.72 14.99
N SER C 243 -13.64 10.68 14.98
CA SER C 243 -14.78 10.20 14.36
CA SER C 243 -14.86 10.12 14.41
C SER C 243 -14.44 9.80 12.92
C SER C 243 -14.62 9.65 12.95
N ALA C 244 -13.70 8.70 12.79
CA ALA C 244 -13.13 8.36 11.52
C ALA C 244 -14.10 7.72 10.53
N LEU C 245 -14.84 6.74 10.99
CA LEU C 245 -15.84 6.08 10.16
C LEU C 245 -16.80 7.11 9.55
N SER C 246 -17.31 7.99 10.40
CA SER C 246 -18.30 8.99 9.93
C SER C 246 -17.65 10.14 9.12
N ALA C 247 -16.44 10.52 9.47
CA ALA C 247 -15.69 11.54 8.70
C ALA C 247 -15.38 11.01 7.27
N ALA C 248 -14.89 9.76 7.20
CA ALA C 248 -14.64 9.14 5.91
C ALA C 248 -15.89 9.03 5.04
N SER C 249 -16.98 8.54 5.63
CA SER C 249 -18.19 8.38 4.89
C SER C 249 -18.70 9.79 4.40
N SER C 250 -18.60 10.79 5.27
CA SER C 250 -19.04 12.10 4.91
C SER C 250 -18.13 12.76 3.83
N ALA C 251 -16.84 12.49 3.89
CA ALA C 251 -15.93 12.92 2.80
C ALA C 251 -16.33 12.29 1.46
N CYS C 252 -16.70 10.98 1.45
CA CYS C 252 -17.25 10.38 0.26
C CYS C 252 -18.48 11.12 -0.26
N ASP C 253 -19.41 11.41 0.65
CA ASP C 253 -20.64 12.12 0.29
C ASP C 253 -20.36 13.49 -0.32
N HIS C 254 -19.40 14.22 0.28
CA HIS C 254 -19.01 15.55 -0.23
C HIS C 254 -18.50 15.49 -1.66
N ILE C 255 -17.52 14.64 -1.89
CA ILE C 255 -16.97 14.46 -3.24
C ILE C 255 -18.01 13.95 -4.23
N ARG C 256 -18.75 12.94 -3.80
CA ARG C 256 -19.76 12.32 -4.67
C ARG C 256 -20.81 13.33 -5.14
N ASP C 257 -21.36 14.08 -4.22
CA ASP C 257 -22.37 15.08 -4.57
C ASP C 257 -21.77 16.18 -5.47
N TRP C 258 -20.53 16.56 -5.20
CA TRP C 258 -19.86 17.57 -5.96
C TRP C 258 -19.66 17.13 -7.40
N VAL C 259 -19.18 15.90 -7.59
CA VAL C 259 -18.86 15.39 -8.90
C VAL C 259 -20.08 14.84 -9.65
N LEU C 260 -20.87 14.03 -9.00
CA LEU C 260 -22.01 13.41 -9.69
C LEU C 260 -23.27 14.29 -9.63
N GLY C 261 -23.31 15.29 -8.77
CA GLY C 261 -24.45 16.22 -8.71
C GLY C 261 -25.36 15.93 -7.51
N THR C 262 -25.98 16.95 -6.94
CA THR C 262 -26.95 16.74 -5.92
C THR C 262 -28.29 16.32 -6.54
N PRO C 263 -29.06 15.44 -5.86
CA PRO C 263 -30.42 15.11 -6.32
C PRO C 263 -31.30 16.35 -6.40
N GLU C 264 -32.23 16.35 -7.36
CA GLU C 264 -33.23 17.42 -7.45
C GLU C 264 -33.94 17.57 -6.12
N GLY C 265 -34.09 18.80 -5.66
CA GLY C 265 -34.77 19.01 -4.36
C GLY C 265 -33.90 18.93 -3.14
N THR C 266 -32.60 18.63 -3.27
CA THR C 266 -31.70 18.54 -2.14
C THR C 266 -30.60 19.57 -2.26
N PHE C 267 -30.25 20.17 -1.13
CA PHE C 267 -28.99 20.86 -1.00
C PHE C 267 -28.19 20.27 0.16
N VAL C 268 -26.87 20.50 0.10
CA VAL C 268 -25.93 19.99 1.09
C VAL C 268 -24.98 21.08 1.52
N SER C 269 -24.26 20.86 2.59
CA SER C 269 -23.34 21.88 3.09
C SER C 269 -21.93 21.58 2.60
N MET C 270 -21.24 22.61 2.14
CA MET C 270 -19.83 22.54 1.76
C MET C 270 -19.13 23.80 2.20
N GLY C 271 -17.94 23.66 2.80
CA GLY C 271 -17.08 24.82 2.99
C GLY C 271 -16.45 25.22 1.68
N VAL C 272 -16.73 26.41 1.21
CA VAL C 272 -16.26 26.88 -0.13
C VAL C 272 -15.82 28.30 -0.06
N TYR C 273 -15.18 28.76 -1.12
CA TYR C 273 -14.53 30.07 -1.13
C TYR C 273 -15.66 31.14 -1.30
N SER C 274 -15.89 31.97 -0.26
CA SER C 274 -17.03 32.84 -0.25
C SER C 274 -16.95 33.90 -1.32
N ASP C 275 -18.08 34.26 -1.88
CA ASP C 275 -18.12 35.22 -2.99
C ASP C 275 -18.95 36.46 -2.64
N GLY C 276 -19.32 36.67 -1.39
CA GLY C 276 -20.21 37.79 -1.02
C GLY C 276 -21.65 37.37 -0.81
N SER C 277 -22.03 36.16 -1.24
CA SER C 277 -23.39 35.64 -0.98
C SER C 277 -23.74 35.71 0.52
N TYR C 278 -25.02 36.04 0.78
CA TYR C 278 -25.56 36.15 2.14
C TYR C 278 -24.84 37.18 3.01
N SER C 279 -24.22 38.17 2.37
CA SER C 279 -23.45 39.21 3.05
C SER C 279 -22.38 38.64 3.96
N VAL C 280 -21.83 37.47 3.62
CA VAL C 280 -20.69 36.94 4.32
C VAL C 280 -19.50 37.56 3.60
N PRO C 281 -18.49 38.06 4.32
CA PRO C 281 -17.29 38.56 3.60
C PRO C 281 -16.75 37.56 2.58
N SER C 282 -16.31 38.08 1.44
CA SER C 282 -15.72 37.31 0.42
C SER C 282 -14.30 36.90 0.83
N GLY C 283 -13.80 35.85 0.22
CA GLY C 283 -12.45 35.40 0.50
C GLY C 283 -12.21 34.56 1.74
N LEU C 284 -13.25 34.00 2.30
CA LEU C 284 -13.13 33.04 3.42
C LEU C 284 -13.50 31.66 2.88
N ILE C 285 -13.01 30.61 3.52
CA ILE C 285 -13.59 29.30 3.33
C ILE C 285 -14.67 29.16 4.39
N TYR C 286 -15.92 29.11 3.93
CA TYR C 286 -17.11 29.25 4.74
C TYR C 286 -18.16 28.27 4.25
N SER C 287 -18.84 27.60 5.17
CA SER C 287 -19.80 26.58 4.80
C SER C 287 -21.12 27.25 4.44
N PHE C 288 -21.64 26.87 3.30
CA PHE C 288 -22.90 27.30 2.73
C PHE C 288 -23.74 26.11 2.28
N PRO C 289 -25.07 26.32 2.14
CA PRO C 289 -25.88 25.40 1.39
C PRO C 289 -25.61 25.52 -0.06
N VAL C 290 -25.41 24.37 -0.71
CA VAL C 290 -25.11 24.36 -2.16
C VAL C 290 -25.83 23.26 -2.85
N THR C 291 -26.01 23.44 -4.16
CA THR C 291 -26.36 22.36 -5.07
C THR C 291 -25.16 22.19 -5.99
N CYS C 292 -25.04 21.00 -6.59
CA CYS C 292 -23.96 20.72 -7.48
C CYS C 292 -24.44 20.15 -8.78
N ARG C 293 -23.82 20.61 -9.86
CA ARG C 293 -24.13 20.13 -11.20
CA ARG C 293 -24.16 20.20 -11.25
C ARG C 293 -22.91 20.37 -12.09
N ASN C 294 -22.66 19.45 -13.04
CA ASN C 294 -21.49 19.57 -13.94
C ASN C 294 -20.14 19.71 -13.19
N GLY C 295 -20.00 19.09 -12.00
CA GLY C 295 -18.77 19.21 -11.24
C GLY C 295 -18.53 20.55 -10.55
N ASP C 296 -19.56 21.39 -10.46
CA ASP C 296 -19.43 22.68 -9.82
C ASP C 296 -20.52 22.90 -8.77
N TRP C 297 -20.14 23.51 -7.65
CA TRP C 297 -21.09 23.93 -6.62
C TRP C 297 -21.70 25.27 -6.98
N SER C 298 -22.88 25.48 -6.48
CA SER C 298 -23.58 26.72 -6.58
C SER C 298 -24.35 26.99 -5.26
N ILE C 299 -24.07 28.11 -4.63
CA ILE C 299 -24.73 28.47 -3.36
C ILE C 299 -26.21 28.62 -3.58
N VAL C 300 -27.00 28.06 -2.67
CA VAL C 300 -28.46 28.17 -2.74
C VAL C 300 -28.78 29.60 -2.29
N GLN C 301 -29.23 30.39 -3.27
CA GLN C 301 -29.59 31.76 -3.06
C GLN C 301 -31.06 31.84 -2.67
N GLY C 302 -31.45 32.95 -2.07
CA GLY C 302 -32.84 33.23 -1.77
C GLY C 302 -33.44 32.61 -0.53
N LEU C 303 -32.62 32.09 0.35
CA LEU C 303 -33.14 31.52 1.60
C LEU C 303 -33.46 32.68 2.56
N PRO C 304 -34.60 32.63 3.24
CA PRO C 304 -34.85 33.72 4.17
C PRO C 304 -33.97 33.63 5.42
N ILE C 305 -33.36 34.71 5.81
CA ILE C 305 -32.49 34.79 6.95
C ILE C 305 -33.10 35.73 8.03
N ASP C 306 -33.41 35.19 9.19
CA ASP C 306 -33.97 35.99 10.30
C ASP C 306 -32.82 36.63 11.11
N GLU C 307 -33.18 37.44 12.11
CA GLU C 307 -32.23 38.21 12.93
CA GLU C 307 -32.11 38.24 12.76
C GLU C 307 -31.23 37.30 13.66
N VAL C 308 -31.75 36.25 14.25
CA VAL C 308 -30.96 35.30 15.03
C VAL C 308 -29.95 34.57 14.10
N SER C 309 -30.43 34.10 12.96
CA SER C 309 -29.56 33.44 11.95
C SER C 309 -28.48 34.41 11.43
N ARG C 310 -28.86 35.65 11.14
CA ARG C 310 -27.93 36.68 10.73
C ARG C 310 -26.77 36.78 11.74
N LYS C 311 -27.12 36.92 13.01
CA LYS C 311 -26.12 37.14 14.03
C LYS C 311 -25.16 35.91 14.11
N LYS C 312 -25.72 34.72 14.07
CA LYS C 312 -24.91 33.49 14.04
C LYS C 312 -23.96 33.41 12.82
N MET C 313 -24.46 33.81 11.67
CA MET C 313 -23.69 33.79 10.41
C MET C 313 -22.55 34.76 10.46
N ASP C 314 -22.79 35.91 11.08
CA ASP C 314 -21.75 36.94 11.20
C ASP C 314 -20.72 36.55 12.23
N LEU C 315 -21.16 35.95 13.35
CA LEU C 315 -20.23 35.54 14.42
C LEU C 315 -19.23 34.50 13.91
N THR C 316 -19.72 33.56 13.14
CA THR C 316 -18.82 32.54 12.56
C THR C 316 -17.90 33.10 11.51
N ALA C 317 -18.38 34.04 10.69
CA ALA C 317 -17.51 34.75 9.72
C ALA C 317 -16.35 35.43 10.41
N GLU C 318 -16.67 36.04 11.57
CA GLU C 318 -15.66 36.79 12.32
C GLU C 318 -14.62 35.84 12.91
N GLU C 319 -15.08 34.70 13.41
CA GLU C 319 -14.14 33.69 13.94
C GLU C 319 -13.21 33.24 12.83
N LEU C 320 -13.74 33.07 11.62
CA LEU C 320 -12.92 32.53 10.54
C LEU C 320 -11.82 33.54 10.19
N LYS C 321 -12.17 34.83 10.23
CA LYS C 321 -11.15 35.87 9.98
C LYS C 321 -10.04 35.83 11.03
N GLU C 322 -10.49 35.69 12.29
CA GLU C 322 -9.55 35.59 13.42
C GLU C 322 -8.62 34.39 13.32
N GLU C 323 -9.19 33.23 12.97
CA GLU C 323 -8.39 32.02 12.78
C GLU C 323 -7.43 32.20 11.64
N LYS C 324 -7.86 32.75 10.51
CA LYS C 324 -6.96 33.04 9.41
C LYS C 324 -5.73 33.87 9.87
N ASP C 325 -6.00 34.91 10.65
CA ASP C 325 -4.91 35.77 11.10
C ASP C 325 -3.96 35.01 12.02
N LEU C 326 -4.53 34.18 12.87
CA LEU C 326 -3.69 33.42 13.80
C LEU C 326 -2.85 32.36 13.07
N ALA C 327 -3.45 31.76 12.06
CA ALA C 327 -2.75 30.76 11.24
C ALA C 327 -1.55 31.38 10.58
N TYR C 328 -1.68 32.56 10.02
CA TYR C 328 -0.51 33.26 9.52
C TYR C 328 0.60 33.45 10.56
N SER C 329 0.23 33.75 11.79
CA SER C 329 1.20 33.84 12.88
C SER C 329 1.89 32.56 13.20
N CYS C 330 1.22 31.43 13.05
CA CYS C 330 1.84 30.09 13.12
C CYS C 330 2.84 29.79 11.99
N LEU C 331 2.77 30.42 10.86
CA LEU C 331 3.70 30.14 9.73
C LEU C 331 4.87 31.12 9.64
N SER C 332 5.81 30.77 8.77
CA SER C 332 6.91 31.69 8.37
C SER C 332 6.59 32.67 7.21
PA NAD D . 25.23 12.40 -8.62
O1A NAD D . 24.87 13.03 -9.94
O2A NAD D . 25.48 13.24 -7.43
O5B NAD D . 24.06 11.36 -8.25
C5B NAD D . 23.87 10.74 -6.99
C4B NAD D . 22.41 10.90 -6.57
O4B NAD D . 22.30 10.14 -5.34
C3B NAD D . 21.93 12.36 -6.30
O3B NAD D . 20.72 12.66 -7.11
C2B NAD D . 21.60 12.31 -4.82
O2B NAD D . 20.53 13.23 -4.56
C1B NAD D . 21.32 10.82 -4.62
N9A NAD D . 21.29 10.40 -3.24
C8A NAD D . 21.98 10.92 -2.21
N7A NAD D . 21.63 10.30 -1.05
C5A NAD D . 20.66 9.39 -1.37
C6A NAD D . 19.82 8.41 -0.69
N6A NAD D . 19.91 8.26 0.63
N1A NAD D . 18.97 7.64 -1.36
C2A NAD D . 18.87 7.80 -2.71
N3A NAD D . 19.55 8.71 -3.45
C4A NAD D . 20.46 9.47 -2.82
O3 NAD D . 26.47 11.37 -8.76
PN NAD D . 26.72 10.38 -10.03
O1N NAD D . 27.73 11.04 -10.91
O2N NAD D . 25.47 9.75 -10.55
O5D NAD D . 27.58 9.27 -9.28
C5D NAD D . 26.86 8.46 -8.35
C4D NAD D . 27.76 7.54 -7.56
O4D NAD D . 28.40 6.51 -8.38
C3D NAD D . 28.89 8.25 -6.84
O3D NAD D . 29.10 7.67 -5.50
C2D NAD D . 30.07 7.99 -7.71
O2D NAD D . 31.31 8.17 -7.12
C1D NAD D . 29.83 6.55 -8.11
N1N NAD D . 30.48 6.01 -9.29
C2N NAD D . 30.84 4.72 -9.33
C3N NAD D . 31.37 4.14 -10.47
C7N NAD D . 31.72 2.70 -10.45
O7N NAD D . 31.42 1.91 -9.45
N7N NAD D . 32.28 2.18 -11.46
C4N NAD D . 31.58 4.96 -11.58
C5N NAD D . 31.23 6.30 -11.48
C6N NAD D . 30.68 6.80 -10.35
S SO4 E . 4.69 -1.29 -8.64
O1 SO4 E . 6.07 -1.75 -8.90
O2 SO4 E . 4.34 -0.59 -9.81
O3 SO4 E . 4.54 -0.32 -7.56
O4 SO4 E . 3.70 -2.41 -8.56
S SO4 F . 35.16 5.94 -11.23
O1 SO4 F . 35.53 7.34 -10.99
O2 SO4 F . 36.34 5.09 -11.53
O3 SO4 F . 34.50 6.04 -12.53
O4 SO4 F . 34.25 5.34 -10.19
S SO4 G . 11.19 -13.81 -5.92
O1 SO4 G . 11.17 -13.86 -7.38
O2 SO4 G . 12.40 -13.09 -5.43
O3 SO4 G . 9.97 -13.11 -5.52
O4 SO4 G . 11.09 -15.18 -5.35
C1 GOL H . 29.46 16.10 -21.64
O1 GOL H . 30.58 15.85 -20.79
C2 GOL H . 28.09 16.03 -20.88
O2 GOL H . 28.20 15.99 -19.45
C3 GOL H . 27.17 17.23 -21.19
O3 GOL H . 25.93 17.02 -20.50
C1 GOL I . 42.30 -21.92 -4.60
O1 GOL I . 42.90 -20.62 -4.68
C2 GOL I . 41.08 -21.82 -5.47
O2 GOL I . 40.11 -20.92 -4.82
C3 GOL I . 41.62 -21.40 -6.87
O3 GOL I . 41.00 -22.09 -7.95
O1 PEO J . 12.10 10.62 3.02
O2 PEO J . 11.92 9.20 3.56
C1 PEG K . 45.39 -21.38 -7.16
O1 PEG K . 45.05 -21.15 -8.55
C2 PEG K . 45.14 -20.07 -6.38
O2 PEG K . 45.63 -20.09 -5.03
C3 PEG K . 46.27 -18.91 -4.55
C4 PEG K . 47.70 -18.92 -5.10
O4 PEG K . 48.57 -17.87 -4.62
NA NA L . 57.45 -6.36 -16.85
NA NA M . 33.89 -20.34 -4.68
C1 EDO N . 24.88 -16.88 -24.08
O1 EDO N . 24.48 -15.75 -23.30
C2 EDO N . 24.70 -18.16 -23.26
O2 EDO N . 24.22 -17.83 -21.95
C1 EDO O . 51.41 1.20 -11.25
O1 EDO O . 50.49 1.33 -10.14
C2 EDO O . 52.46 0.11 -11.07
O2 EDO O . 52.04 -1.13 -11.67
C1 EDO P . 41.57 5.83 -24.93
O1 EDO P . 40.99 7.04 -24.50
C2 EDO P . 43.07 5.90 -24.95
O2 EDO P . 43.46 6.04 -23.56
C1 EDO Q . 40.65 0.70 -31.70
O1 EDO Q . 41.51 1.88 -31.77
C2 EDO Q . 40.19 0.13 -33.02
O2 EDO Q . 38.75 0.01 -32.92
PA NAD R . -10.22 -6.56 18.35
O1A NAD R . -9.92 -5.14 17.88
O2A NAD R . -9.57 -7.05 19.62
O5B NAD R . -11.76 -6.80 18.25
C5B NAD R . -12.41 -7.97 18.76
C4B NAD R . -13.61 -7.53 19.57
O4B NAD R . -14.26 -8.68 20.05
C3B NAD R . -13.29 -6.69 20.84
O3B NAD R . -14.06 -5.44 20.87
C2B NAD R . -13.74 -7.60 21.99
O2B NAD R . -14.20 -6.86 23.18
C1B NAD R . -14.82 -8.37 21.34
N9A NAD R . -15.27 -9.55 22.11
C8A NAD R . -14.55 -10.33 22.96
N7A NAD R . -15.34 -11.35 23.49
C5A NAD R . -16.56 -11.16 22.95
C6A NAD R . -17.86 -11.76 23.10
N6A NAD R . -18.04 -12.83 23.91
N1A NAD R . -18.85 -11.31 22.43
C2A NAD R . -18.72 -10.27 21.59
N3A NAD R . -17.61 -9.55 21.40
C4A NAD R . -16.50 -9.97 22.07
O3 NAD R . -9.69 -7.60 17.19
PN NAD R . -9.75 -7.34 15.62
O1N NAD R . -8.46 -6.90 15.11
O2N NAD R . -11.06 -6.72 15.21
O5D NAD R . -9.80 -8.89 15.25
C5D NAD R . -10.96 -9.65 15.57
C4D NAD R . -10.73 -11.14 15.26
O4D NAD R . -10.66 -11.43 13.86
C3D NAD R . -9.49 -11.71 15.92
O3D NAD R . -9.83 -13.06 16.37
C2D NAD R . -8.53 -11.78 14.76
O2D NAD R . -7.48 -12.77 14.91
C1D NAD R . -9.43 -12.21 13.66
N1N NAD R . -9.03 -12.05 12.30
C2N NAD R . -9.47 -12.90 11.38
C3N NAD R . -9.20 -12.75 10.01
C7N NAD R . -9.68 -13.75 9.02
O7N NAD R . -10.39 -14.82 9.31
N7N NAD R . -9.37 -13.52 7.77
C4N NAD R . -8.45 -11.59 9.66
C5N NAD R . -8.01 -10.70 10.64
C6N NAD R . -8.36 -10.94 11.96
S SO4 S . -4.89 -12.99 9.32
O1 SO4 S . -4.34 -13.78 8.17
O2 SO4 S . -3.88 -12.45 10.22
O3 SO4 S . -5.31 -11.74 8.69
O4 SO4 S . -6.05 -13.67 9.98
S SO4 T . -34.82 -4.74 15.49
O1 SO4 T . -34.14 -3.51 15.89
O2 SO4 T . -34.01 -5.71 14.68
O3 SO4 T . -35.96 -4.41 14.62
O4 SO4 T . -35.29 -5.38 16.74
C ACT U . -3.10 -31.62 19.40
O ACT U . -3.56 -32.73 19.05
OXT ACT U . -3.59 -31.03 20.40
CH3 ACT U . -1.97 -30.99 18.69
C1 GOL V . -4.86 3.38 11.30
O1 GOL V . -3.89 4.36 11.53
C2 GOL V . -3.95 2.19 11.35
O2 GOL V . -4.81 1.12 11.60
C3 GOL V . -3.17 2.12 10.04
O3 GOL V . -2.30 1.00 10.07
C1 GOL W . 2.17 -6.56 -2.48
O1 GOL W . 1.80 -5.82 -1.25
C2 GOL W . 3.49 -7.12 -1.99
O2 GOL W . 3.43 -8.53 -1.97
C3 GOL W . 4.77 -6.50 -2.57
O3 GOL W . 5.79 -7.47 -2.81
C FMT X . -28.61 -30.43 8.86
O1 FMT X . -29.00 -29.81 7.88
O2 FMT X . -27.50 -29.98 9.44
NA NA Y . 3.48 -4.92 -5.76
C1 EDO Z . -24.73 -11.85 -8.73
O1 EDO Z . -23.45 -11.99 -9.34
C2 EDO Z . -25.68 -12.93 -9.28
O2 EDO Z . -25.25 -13.52 -10.52
PA NAD AA . -4.32 10.51 12.61
O1A NAD AA . -4.87 9.12 12.86
O2A NAD AA . -3.16 11.00 13.41
O5B NAD AA . -3.96 10.70 11.06
C5B NAD AA . -3.25 11.79 10.55
C4B NAD AA . -2.23 11.29 9.54
O4B NAD AA . -1.72 12.44 8.84
C3B NAD AA . -1.06 10.52 10.23
O3B NAD AA . -0.89 9.20 9.66
C2B NAD AA . 0.11 11.46 10.03
O2B NAD AA . 1.39 10.80 9.92
C1B NAD AA . -0.33 12.20 8.75
N9A NAD AA . 0.40 13.42 8.44
C8A NAD AA . 1.00 14.28 9.30
N7A NAD AA . 1.57 15.28 8.66
C5A NAD AA . 1.41 14.97 7.33
C6A NAD AA . 1.79 15.59 6.05
N6A NAD AA . 2.55 16.67 6.09
N1A NAD AA . 1.40 15.03 4.90
C2A NAD AA . 0.67 13.91 4.86
N3A NAD AA . 0.30 13.25 5.98
C4A NAD AA . 0.65 13.75 7.21
O3 NAD AA . -5.54 11.57 12.72
PN NAD AA . -7.08 11.29 12.26
O1N NAD AA . -7.85 10.77 13.43
O2N NAD AA . -7.14 10.50 10.93
O5D NAD AA . -7.52 12.76 11.94
C5D NAD AA . -6.91 13.52 10.88
C4D NAD AA . -7.39 14.97 10.88
O4D NAD AA . -8.81 15.09 10.57
C3D NAD AA . -7.18 15.69 12.20
O3D NAD AA . -6.59 16.99 12.03
C2D NAD AA . -8.61 15.68 12.75
O2D NAD AA . -8.83 16.56 13.82
C1D NAD AA . -9.43 15.94 11.51
N1N NAD AA . -10.84 15.56 11.55
C2N NAD AA . -11.69 16.28 10.76
C3N NAD AA . -13.02 16.04 10.68
C7N NAD AA . -13.92 16.88 9.82
O7N NAD AA . -13.57 17.82 9.04
N7N NAD AA . -15.19 16.62 9.90
C4N NAD AA . -13.54 15.00 11.46
C5N NAD AA . -12.67 14.25 12.23
C6N NAD AA . -11.33 14.58 12.30
S SO4 BA . -0.30 6.59 -11.45
O1 SO4 BA . -0.28 6.66 -12.91
O2 SO4 BA . 0.95 7.12 -11.10
O3 SO4 BA . -1.36 7.35 -10.84
O4 SO4 BA . -0.39 5.20 -10.92
S SO4 CA . -14.83 16.73 14.46
O1 SO4 CA . -14.19 16.87 15.74
O2 SO4 CA . -13.77 17.30 13.53
O3 SO4 CA . -16.04 17.55 14.48
O4 SO4 CA . -15.19 15.30 14.23
S SO4 DA . -14.57 23.47 19.02
O1 SO4 DA . -13.72 22.57 18.25
O2 SO4 DA . -14.74 24.77 18.33
O3 SO4 DA . -15.86 22.71 19.12
O4 SO4 DA . -14.02 23.77 20.36
C ACT EA . -9.60 14.41 16.23
O ACT EA . -8.89 15.33 15.96
OXT ACT EA . -10.66 14.44 15.66
CH3 ACT EA . -9.18 13.25 17.15
C1 GOL FA . -2.95 26.79 17.79
O1 GOL FA . -2.69 25.41 17.56
C2 GOL FA . -4.16 27.10 18.66
O2 GOL FA . -4.18 26.52 20.00
C3 GOL FA . -4.25 28.65 18.77
O3 GOL FA . -5.56 28.92 19.30
C1 GOL GA . -29.70 10.98 20.24
O1 GOL GA . -29.80 11.70 21.45
C2 GOL GA . -28.26 10.58 20.16
O2 GOL GA . -27.50 11.75 20.10
C3 GOL GA . -28.09 9.79 18.90
O3 GOL GA . -26.73 9.35 18.94
C1 GOL HA . -27.28 37.01 -2.21
O1 GOL HA . -26.29 36.02 -2.01
C2 GOL HA . -28.07 36.70 -0.96
O2 GOL HA . -27.90 37.80 -0.08
C3 GOL HA . -29.47 36.34 -1.32
O3 GOL HA . -29.51 34.95 -1.57
C1 GOL IA . -2.75 23.38 -11.66
O1 GOL IA . -2.31 24.69 -11.26
C2 GOL IA . -3.87 23.27 -10.70
O2 GOL IA . -4.98 23.91 -11.33
C3 GOL IA . -4.15 21.86 -10.27
O3 GOL IA . -5.51 21.50 -10.48
C1 GOL JA . -8.80 33.85 -7.58
O1 GOL JA . -9.16 33.54 -6.23
C2 GOL JA . -7.75 32.92 -8.17
O2 GOL JA . -6.72 32.87 -7.19
C3 GOL JA . -8.23 31.50 -8.49
O3 GOL JA . -9.58 31.46 -8.97
O1 PEO KA . 6.43 26.95 8.16
O2 PEO KA . 6.06 27.99 7.18
C1 EDO LA . -42.13 25.36 21.41
O1 EDO LA . -41.61 24.64 20.27
C2 EDO LA . -41.57 24.76 22.71
O2 EDO LA . -40.15 24.94 22.70
C1 EDO MA . -11.61 0.89 16.47
O1 EDO MA . -12.19 1.74 17.48
C2 EDO MA . -10.19 0.48 16.82
O2 EDO MA . -10.39 -0.20 18.08
#